data_2WJM
#
_entry.id   2WJM
#
_cell.length_a   84.450
_cell.length_b   138.498
_cell.length_c   177.770
_cell.angle_alpha   90.00
_cell.angle_beta   90.00
_cell.angle_gamma   90.00
#
_symmetry.space_group_name_H-M   'P 21 21 2'
#
loop_
_entity.id
_entity.type
_entity.pdbx_description
1 polymer 'PHOTOSYNTHETIC REACTION CENTER CYTOCHROME C SUBUNIT'
2 polymer 'REACTION CENTER PROTEIN H CHAIN'
3 polymer 'REACTION CENTER PROTEIN L CHAIN'
4 polymer 'REACTION CENTER PROTEIN M CHAIN'
5 non-polymer 'HEME C'
6 non-polymer 'DIACYL GLYCEROL'
7 non-polymer 'BACTERIOCHLOROPHYLL B'
8 non-polymer 'BACTERIOPHEOPHYTIN B'
9 non-polymer '[(Z)-octadec-9-enyl] (2R)-2,3-bis(oxidanyl)propanoate'
10 non-polymer 'FE (II) ION'
11 non-polymer MENAQUINONE-7
12 non-polymer 15-cis-1,2-dihydroneurosporene
13 non-polymer 'PHOSPHATE ION'
14 water water
#
loop_
_entity_poly.entity_id
_entity_poly.type
_entity_poly.pdbx_seq_one_letter_code
_entity_poly.pdbx_strand_id
1 'polypeptide(L)'
;CFEPPPATTTQTGFRGLSMGEVLHPATVKAKKERDAQYPPALAAVKAEGPPVSQVYKNVKVLGNLTEAEFLRTMTAITEW
VSPQEGCTYCHDENNLASEAKYPYVVARRMLEMTRAINTNWTQHVAQTGVTCYTCHRGTPLPPYVRYLEPTLPLNNRETP
THVERVETRSGYVVRLAKYTAYSALNYDPFTMFLANDKRQVRVVPQTALPLVGVSRGKERRPLSDAYATFALMMSISDSL
GTNCTFCHNAQTFESWGKKSTPQRAIAWWGIRMVRDLNMNYLAPLNASLPASRLGRQGEAPQADCRTCHQGVTKPLFGAS
RLKDYPELGPIKAAAK
;
C
2 'polypeptide(L)'
;(FME)YHGALAQHLDIAQLVWYAQWLVIWTVVLLYLRREDRREGYPLVEPLGLVKLAPEDGQVYELPYPKTFVLPHGGTV
TVPRRRPETRELKLAQTDGFEGAPLQPTGNPLVDAVGPASYAERAEVVDATVDGKAKIVPLRVATDFSIAEGDVDPRGLP
VVAADGVEAGTVTDLWVDRSEHYFRYLELSVAGSARTALIPLGFCDVKKDKIVVTSILSEQFANVPRLQSRDQITLREED
KVSAYYAGGLLYATPERAESLL
;
H
3 'polypeptide(L)'
;MALLSFERKYRVRGGTLIGGDLFDFWVGPYFVGFFGVSAIFFIFLGVSLIGYAASQGPTWDPFAISINPPDLKYGLGAAP
LLEGGFWQAITVCALGAFISWMLREVEISRKLGIGWHVPLAFCVPIFMFCVLQVFRPLLLGSWGHAFPYGILSHLDWVNN
FGYQYLNWHYNPGHMSSVSFLFVNAMALGLHGGLILSVANPGDGDKVKTAEHENQYFRDVVGYSIGALSIHRLGLFLASN
IFLTGAFGTIASGPFWTRGWPEWWGWWLDIPFWS
;
L
4 'polypeptide(L)'
;MADYQTIYTQIQARGPHITVSGEWGDNDRVGKPFYSYWLGKIGDAQIGPIYLGASGIAAFAFGSTAILIILFNMAAEVHF
DPLQFFRQFFWLGLYPPKAQYGMGIPPLHDGGWWLMAGLFMTLSLGSWWIRVYSRARALGLGTHIAWNFAAAIFFVLCIG
CIHPTLVGSWSEGVPFGIWPHIDWLTAFSIRYGNFYYCPWHGFSIGFAYGCGLLFAAHGATILAVARFGGDREIEQITDR
GTAVERAALFWRWTIGFNATIESVHRWGWFFSLMVMVSASVGILLTGTFVDNWYLWCVKHGAAPDYPAYLPATPDPASLP
GAPK
;
M
#
# COMPACT_ATOMS: atom_id res chain seq x y z
N CYS A 1 -17.87 -11.77 -9.59
CA CYS A 1 -16.76 -10.94 -9.07
C CYS A 1 -15.48 -11.74 -9.00
N PHE A 2 -15.54 -13.00 -8.54
CA PHE A 2 -14.34 -13.77 -8.26
C PHE A 2 -14.36 -15.14 -8.95
N GLU A 3 -13.21 -15.80 -8.93
CA GLU A 3 -13.02 -17.13 -9.53
C GLU A 3 -12.79 -18.16 -8.39
N PRO A 4 -13.62 -19.20 -8.31
CA PRO A 4 -13.41 -20.07 -7.15
C PRO A 4 -12.13 -20.92 -7.21
N PRO A 5 -11.54 -21.24 -6.05
CA PRO A 5 -10.36 -22.09 -6.01
C PRO A 5 -10.77 -23.54 -6.29
N PRO A 6 -9.80 -24.43 -6.56
CA PRO A 6 -8.36 -24.25 -6.55
C PRO A 6 -7.83 -23.53 -7.78
N ALA A 7 -6.69 -22.89 -7.60
CA ALA A 7 -5.91 -22.31 -8.68
C ALA A 7 -4.79 -23.29 -9.04
N THR A 8 -4.53 -23.45 -10.34
CA THR A 8 -3.36 -24.17 -10.84
C THR A 8 -2.20 -23.18 -10.96
N THR A 9 -1.09 -23.53 -10.30
CA THR A 9 0.08 -22.68 -10.34
C THR A 9 1.30 -23.48 -10.80
N THR A 10 2.16 -22.83 -11.58
CA THR A 10 3.47 -23.37 -11.99
C THR A 10 4.59 -22.52 -11.41
N GLN A 11 5.82 -23.05 -11.52
CA GLN A 11 7.03 -22.34 -11.06
C GLN A 11 7.91 -22.08 -12.30
N THR A 12 8.22 -20.81 -12.60
CA THR A 12 9.09 -20.48 -13.71
C THR A 12 10.37 -19.78 -13.27
N GLY A 13 10.58 -19.66 -11.96
CA GLY A 13 11.84 -19.12 -11.43
C GLY A 13 12.33 -19.80 -10.19
N PHE A 14 13.50 -19.36 -9.70
CA PHE A 14 14.08 -19.94 -8.47
C PHE A 14 13.07 -19.83 -7.33
N ARG A 15 13.01 -20.85 -6.47
CA ARG A 15 12.11 -20.85 -5.31
C ARG A 15 12.20 -19.55 -4.54
N GLY A 16 11.03 -19.04 -4.16
CA GLY A 16 10.97 -17.87 -3.32
C GLY A 16 10.86 -16.59 -4.12
N LEU A 17 10.80 -16.69 -5.45
CA LEU A 17 10.65 -15.47 -6.28
C LEU A 17 9.22 -15.19 -6.77
N SER A 18 8.26 -16.06 -6.44
CA SER A 18 6.87 -15.90 -6.93
C SER A 18 6.76 -15.72 -8.44
N MET A 19 7.47 -16.55 -9.19
CA MET A 19 7.41 -16.59 -10.64
C MET A 19 6.68 -17.85 -11.10
N GLY A 20 5.72 -17.66 -12.00
CA GLY A 20 5.05 -18.79 -12.62
C GLY A 20 3.66 -18.48 -13.05
N GLU A 21 3.01 -19.48 -13.63
CA GLU A 21 1.63 -19.33 -14.09
C GLU A 21 0.61 -19.46 -12.97
N VAL A 22 -0.51 -18.77 -13.17
CA VAL A 22 -1.64 -18.79 -12.26
C VAL A 22 -2.83 -18.96 -13.17
N LEU A 23 -3.41 -20.17 -13.10
CA LEU A 23 -4.49 -20.56 -14.03
C LEU A 23 -5.77 -21.04 -13.32
N HIS A 24 -6.91 -20.72 -13.96
CA HIS A 24 -8.24 -21.17 -13.55
C HIS A 24 -8.63 -22.43 -14.34
N PRO A 25 -8.73 -23.57 -13.65
CA PRO A 25 -8.99 -24.81 -14.37
C PRO A 25 -10.16 -24.80 -15.36
N ALA A 26 -11.28 -24.17 -15.00
CA ALA A 26 -12.45 -24.12 -15.88
C ALA A 26 -12.12 -23.37 -17.15
N THR A 27 -11.32 -22.33 -17.03
CA THR A 27 -10.91 -21.53 -18.21
C THR A 27 -10.02 -22.35 -19.13
N VAL A 28 -9.07 -23.05 -18.53
CA VAL A 28 -8.17 -23.91 -19.27
C VAL A 28 -8.94 -25.00 -20.00
N LYS A 29 -9.86 -25.67 -19.29
CA LYS A 29 -10.75 -26.66 -19.86
C LYS A 29 -11.53 -26.16 -21.09
N ALA A 30 -12.16 -24.99 -20.94
CA ALA A 30 -12.93 -24.38 -22.01
C ALA A 30 -12.07 -24.13 -23.24
N LYS A 31 -10.88 -23.56 -23.06
CA LYS A 31 -9.96 -23.34 -24.18
C LYS A 31 -9.45 -24.65 -24.78
N LYS A 32 -9.22 -25.68 -23.96
CA LYS A 32 -8.81 -26.96 -24.50
C LYS A 32 -9.89 -27.54 -25.43
N GLU A 33 -11.16 -27.37 -25.05
CA GLU A 33 -12.30 -27.86 -25.81
C GLU A 33 -12.49 -27.13 -27.12
N ARG A 34 -12.43 -25.81 -27.07
CA ARG A 34 -12.44 -25.03 -28.28
C ARG A 34 -11.32 -25.51 -29.23
N ASP A 35 -10.10 -25.56 -28.71
CA ASP A 35 -8.95 -25.89 -29.55
C ASP A 35 -8.98 -27.32 -30.06
N ALA A 36 -9.65 -28.20 -29.32
CA ALA A 36 -9.73 -29.62 -29.69
C ALA A 36 -10.58 -29.83 -30.94
N GLN A 37 -11.28 -28.79 -31.40
CA GLN A 37 -12.08 -28.86 -32.62
C GLN A 37 -11.21 -28.98 -33.87
N TYR A 38 -9.88 -28.80 -33.72
CA TYR A 38 -8.92 -28.91 -34.83
C TYR A 38 -9.16 -30.21 -35.55
N PRO A 39 -9.64 -30.14 -36.81
CA PRO A 39 -9.91 -31.37 -37.57
C PRO A 39 -8.67 -32.23 -37.68
N PRO A 40 -8.81 -33.58 -37.62
CA PRO A 40 -7.61 -34.39 -37.76
C PRO A 40 -7.02 -34.32 -39.17
N ALA A 41 -5.75 -34.70 -39.30
CA ALA A 41 -5.07 -34.83 -40.59
C ALA A 41 -5.91 -35.70 -41.49
N LEU A 42 -5.95 -35.38 -42.79
CA LEU A 42 -6.59 -36.27 -43.75
C LEU A 42 -5.71 -37.49 -43.98
N ALA A 43 -6.33 -38.61 -44.34
CA ALA A 43 -5.56 -39.84 -44.67
C ALA A 43 -4.49 -39.55 -45.70
N ALA A 44 -3.35 -40.23 -45.58
CA ALA A 44 -2.26 -40.15 -46.56
C ALA A 44 -2.75 -40.68 -47.91
N VAL A 45 -2.20 -40.14 -48.99
CA VAL A 45 -2.58 -40.52 -50.34
C VAL A 45 -1.35 -40.91 -51.17
N LYS A 46 -1.60 -41.28 -52.42
CA LYS A 46 -0.60 -41.76 -53.39
C LYS A 46 0.56 -40.79 -53.60
N ALA A 47 1.78 -41.32 -53.40
CA ALA A 47 3.03 -40.54 -53.42
C ALA A 47 3.45 -40.10 -54.81
N GLU A 48 2.90 -40.63 -55.91
CA GLU A 48 3.59 -41.46 -56.90
C GLU A 48 2.78 -40.90 -58.10
N GLY A 49 3.45 -40.35 -59.12
CA GLY A 49 2.74 -39.87 -60.34
C GLY A 49 3.19 -38.49 -60.81
N PRO A 50 2.59 -38.00 -61.91
CA PRO A 50 2.90 -36.68 -62.47
C PRO A 50 2.67 -35.57 -61.44
N PRO A 51 3.51 -34.51 -61.48
CA PRO A 51 3.26 -33.34 -60.63
C PRO A 51 2.15 -32.47 -61.20
N VAL A 52 1.39 -31.80 -60.34
CA VAL A 52 0.26 -30.98 -60.79
C VAL A 52 0.67 -29.75 -61.61
N SER A 53 1.96 -29.41 -61.60
CA SER A 53 2.49 -28.41 -62.52
C SER A 53 2.29 -28.87 -63.97
N GLN A 54 2.25 -30.20 -64.17
CA GLN A 54 1.90 -30.81 -65.46
C GLN A 54 0.39 -31.02 -65.64
N VAL A 55 -0.26 -31.53 -64.61
CA VAL A 55 -1.65 -31.94 -64.70
C VAL A 55 -2.61 -30.75 -64.80
N TYR A 56 -2.43 -29.75 -63.94
CA TYR A 56 -3.35 -28.61 -63.90
C TYR A 56 -2.76 -27.38 -64.58
N LYS A 57 -3.59 -26.36 -64.72
CA LYS A 57 -3.33 -25.24 -65.57
C LYS A 57 -2.59 -24.10 -64.82
N ASN A 58 -3.05 -23.80 -63.61
CA ASN A 58 -2.68 -22.55 -62.95
C ASN A 58 -2.18 -22.74 -61.54
N VAL A 59 -1.36 -23.78 -61.32
CA VAL A 59 -0.78 -24.03 -60.00
C VAL A 59 0.61 -23.38 -59.96
N LYS A 60 0.80 -22.43 -59.03
CA LYS A 60 2.05 -21.66 -58.96
C LYS A 60 2.85 -21.90 -57.69
N VAL A 61 2.22 -22.37 -56.61
CA VAL A 61 2.92 -22.64 -55.35
C VAL A 61 3.10 -24.14 -55.14
N LEU A 62 2.07 -24.94 -55.37
CA LEU A 62 2.07 -26.36 -55.01
C LEU A 62 2.32 -27.29 -56.20
N GLY A 63 3.00 -26.77 -57.22
CA GLY A 63 3.22 -27.49 -58.47
C GLY A 63 3.93 -28.83 -58.38
N ASN A 64 4.63 -29.12 -57.27
CA ASN A 64 5.42 -30.35 -57.17
C ASN A 64 4.66 -31.52 -56.57
N LEU A 65 3.50 -31.23 -56.00
CA LEU A 65 2.60 -32.27 -55.51
C LEU A 65 2.02 -33.14 -56.63
N THR A 66 1.83 -34.42 -56.32
CA THR A 66 1.01 -35.31 -57.15
C THR A 66 -0.45 -34.85 -57.09
N GLU A 67 -1.23 -35.25 -58.09
CA GLU A 67 -2.65 -34.87 -58.13
C GLU A 67 -3.40 -35.21 -56.84
N ALA A 68 -3.20 -36.44 -56.32
CA ALA A 68 -3.83 -36.87 -55.08
C ALA A 68 -3.42 -35.99 -53.90
N GLU A 69 -2.12 -35.74 -53.79
CA GLU A 69 -1.59 -34.88 -52.74
C GLU A 69 -2.15 -33.48 -52.82
N PHE A 70 -2.23 -32.95 -54.04
CA PHE A 70 -2.72 -31.59 -54.27
C PHE A 70 -4.19 -31.44 -53.91
N LEU A 71 -5.01 -32.41 -54.32
CA LEU A 71 -6.44 -32.36 -54.01
C LEU A 71 -6.68 -32.59 -52.51
N ARG A 72 -5.82 -33.38 -51.86
CA ARG A 72 -5.82 -33.50 -50.40
C ARG A 72 -5.60 -32.14 -49.73
N THR A 73 -4.64 -31.36 -50.24
CA THR A 73 -4.36 -30.02 -49.72
C THR A 73 -5.59 -29.13 -49.90
N MET A 74 -6.23 -29.21 -51.07
CA MET A 74 -7.46 -28.45 -51.35
C MET A 74 -8.60 -28.86 -50.38
N THR A 75 -8.70 -30.16 -50.08
CA THR A 75 -9.69 -30.61 -49.11
C THR A 75 -9.40 -30.02 -47.71
N ALA A 76 -8.12 -30.04 -47.33
CA ALA A 76 -7.71 -29.60 -46.00
C ALA A 76 -8.02 -28.10 -45.86
N ILE A 77 -7.62 -27.35 -46.87
CA ILE A 77 -7.79 -25.89 -46.89
C ILE A 77 -9.26 -25.51 -46.76
N THR A 78 -10.10 -26.22 -47.50
CA THR A 78 -11.55 -26.06 -47.41
C THR A 78 -12.09 -26.26 -45.98
N GLU A 79 -11.72 -27.37 -45.33
CA GLU A 79 -12.11 -27.62 -43.93
C GLU A 79 -11.69 -26.53 -43.00
N TRP A 80 -10.48 -26.01 -43.23
CA TRP A 80 -9.84 -25.08 -42.31
C TRP A 80 -10.34 -23.64 -42.46
N VAL A 81 -10.68 -23.26 -43.69
CA VAL A 81 -10.97 -21.86 -44.04
C VAL A 81 -12.43 -21.62 -44.44
N SER A 82 -13.02 -22.47 -45.28
CA SER A 82 -14.37 -22.19 -45.81
C SER A 82 -15.19 -23.44 -45.88
N PRO A 83 -15.30 -24.17 -44.76
CA PRO A 83 -16.06 -25.44 -44.72
C PRO A 83 -17.55 -25.28 -45.05
N GLN A 84 -18.12 -24.12 -44.77
CA GLN A 84 -19.56 -23.95 -44.93
C GLN A 84 -19.87 -23.65 -46.38
N GLU A 85 -19.00 -22.90 -47.05
CA GLU A 85 -19.16 -22.58 -48.46
C GLU A 85 -18.52 -23.64 -49.39
N GLY A 86 -17.46 -24.31 -48.95
CA GLY A 86 -16.83 -25.38 -49.74
C GLY A 86 -15.87 -24.81 -50.77
N CYS A 87 -15.60 -25.57 -51.84
CA CYS A 87 -14.58 -25.22 -52.81
C CYS A 87 -14.88 -23.91 -53.50
N THR A 88 -16.18 -23.64 -53.70
CA THR A 88 -16.57 -22.47 -54.50
C THR A 88 -16.44 -21.16 -53.74
N TYR A 89 -16.05 -21.20 -52.46
CA TYR A 89 -15.65 -19.96 -51.79
C TYR A 89 -14.53 -19.28 -52.59
N CYS A 90 -13.57 -20.06 -53.06
CA CYS A 90 -12.43 -19.52 -53.81
C CYS A 90 -12.56 -19.72 -55.31
N HIS A 91 -13.18 -20.83 -55.70
CA HIS A 91 -13.25 -21.21 -57.09
C HIS A 91 -14.55 -20.87 -57.81
N ASP A 92 -14.39 -20.51 -59.08
CA ASP A 92 -15.47 -20.56 -60.04
C ASP A 92 -15.80 -22.03 -60.22
N GLU A 93 -17.03 -22.39 -59.88
CA GLU A 93 -17.51 -23.76 -59.94
C GLU A 93 -17.35 -24.41 -61.32
N ASN A 94 -17.39 -23.61 -62.39
CA ASN A 94 -17.22 -24.12 -63.77
C ASN A 94 -15.81 -24.00 -64.35
N ASN A 95 -14.89 -23.46 -63.55
CA ASN A 95 -13.53 -23.28 -64.00
C ASN A 95 -12.62 -23.11 -62.82
N LEU A 96 -11.99 -24.21 -62.42
CA LEU A 96 -11.14 -24.24 -61.25
C LEU A 96 -9.77 -23.54 -61.44
N ALA A 97 -9.40 -23.29 -62.68
CA ALA A 97 -8.19 -22.54 -63.01
C ALA A 97 -8.42 -21.03 -62.90
N SER A 98 -9.68 -20.59 -62.81
CA SER A 98 -9.98 -19.15 -62.81
C SER A 98 -9.62 -18.50 -61.49
N GLU A 99 -9.01 -17.31 -61.59
CA GLU A 99 -8.67 -16.52 -60.41
C GLU A 99 -9.65 -15.39 -60.16
N ALA A 100 -10.85 -15.49 -60.72
CA ALA A 100 -11.79 -14.37 -60.69
C ALA A 100 -12.30 -14.02 -59.29
N LYS A 101 -12.37 -14.98 -58.37
CA LYS A 101 -12.86 -14.67 -57.03
C LYS A 101 -11.70 -14.27 -56.13
N TYR A 102 -11.84 -13.14 -55.44
CA TYR A 102 -10.74 -12.57 -54.62
C TYR A 102 -10.18 -13.56 -53.60
N PRO A 103 -11.01 -14.43 -52.96
CA PRO A 103 -10.37 -15.38 -52.06
C PRO A 103 -9.31 -16.27 -52.71
N TYR A 104 -9.44 -16.58 -54.01
CA TYR A 104 -8.42 -17.40 -54.67
C TYR A 104 -7.02 -16.78 -54.57
N VAL A 105 -6.88 -15.53 -55.00
CA VAL A 105 -5.54 -14.90 -55.03
C VAL A 105 -5.04 -14.65 -53.61
N VAL A 106 -5.95 -14.34 -52.69
CA VAL A 106 -5.59 -14.22 -51.27
C VAL A 106 -5.07 -15.56 -50.75
N ALA A 107 -5.79 -16.64 -51.05
CA ALA A 107 -5.35 -17.99 -50.62
C ALA A 107 -3.97 -18.38 -51.16
N ARG A 108 -3.67 -18.04 -52.42
CA ARG A 108 -2.35 -18.36 -52.97
C ARG A 108 -1.28 -17.68 -52.13
N ARG A 109 -1.49 -16.41 -51.83
CA ARG A 109 -0.58 -15.62 -51.01
C ARG A 109 -0.47 -16.22 -49.59
N MET A 110 -1.59 -16.71 -49.06
CA MET A 110 -1.59 -17.34 -47.75
C MET A 110 -0.87 -18.66 -47.73
N LEU A 111 -0.92 -19.37 -48.86
CA LEU A 111 -0.13 -20.58 -49.00
C LEU A 111 1.36 -20.22 -48.90
N GLU A 112 1.77 -19.14 -49.55
CA GLU A 112 3.13 -18.65 -49.50
C GLU A 112 3.50 -18.18 -48.08
N MET A 113 2.57 -17.51 -47.43
CA MET A 113 2.76 -17.02 -46.08
C MET A 113 2.96 -18.16 -45.10
N THR A 114 2.09 -19.16 -45.19
CA THR A 114 2.13 -20.31 -44.31
C THR A 114 3.44 -21.07 -44.51
N ARG A 115 3.87 -21.22 -45.75
CA ARG A 115 5.12 -21.95 -46.02
C ARG A 115 6.30 -21.16 -45.45
N ALA A 116 6.23 -19.83 -45.53
CA ALA A 116 7.26 -18.92 -44.98
C ALA A 116 7.34 -19.01 -43.46
N ILE A 117 6.21 -19.07 -42.79
CA ILE A 117 6.18 -19.24 -41.33
C ILE A 117 6.88 -20.54 -40.96
N ASN A 118 6.49 -21.62 -41.60
CA ASN A 118 7.01 -22.95 -41.21
C ASN A 118 8.45 -23.22 -41.67
N THR A 119 8.91 -22.42 -42.64
CA THR A 119 10.25 -22.52 -43.22
C THR A 119 11.23 -21.50 -42.59
N ASN A 120 10.81 -20.25 -42.54
CA ASN A 120 11.70 -19.12 -42.21
C ASN A 120 11.58 -18.66 -40.76
N TRP A 121 10.55 -19.12 -40.06
CA TRP A 121 10.31 -18.65 -38.72
C TRP A 121 10.23 -19.80 -37.76
N THR A 122 11.06 -20.83 -37.96
CA THR A 122 11.13 -21.98 -37.01
C THR A 122 11.66 -21.58 -35.64
N GLN A 123 12.35 -20.44 -35.57
CA GLN A 123 12.82 -19.90 -34.28
C GLN A 123 11.63 -19.56 -33.40
N HIS A 124 10.47 -19.40 -34.04
CA HIS A 124 9.25 -19.19 -33.29
C HIS A 124 8.34 -20.43 -33.21
N VAL A 125 7.92 -20.93 -34.37
CA VAL A 125 6.96 -22.05 -34.44
C VAL A 125 7.59 -23.43 -34.30
N ALA A 126 8.92 -23.49 -34.28
CA ALA A 126 9.63 -24.74 -34.09
C ALA A 126 9.12 -25.83 -35.08
N GLN A 127 8.93 -27.04 -34.59
CA GLN A 127 8.39 -28.10 -35.40
C GLN A 127 6.90 -28.25 -35.18
N THR A 128 6.31 -27.41 -34.35
CA THR A 128 4.84 -27.36 -34.22
C THR A 128 4.23 -26.80 -35.49
N GLY A 129 4.68 -25.61 -35.86
CA GLY A 129 4.24 -24.98 -37.10
C GLY A 129 2.81 -24.51 -37.04
N VAL A 130 2.34 -23.94 -38.15
CA VAL A 130 0.98 -23.48 -38.29
C VAL A 130 0.33 -24.06 -39.56
N THR A 131 -0.99 -24.18 -39.54
CA THR A 131 -1.75 -24.39 -40.77
C THR A 131 -2.73 -23.23 -40.89
N CYS A 132 -3.54 -23.27 -41.94
CA CYS A 132 -4.60 -22.29 -42.13
C CYS A 132 -5.48 -22.28 -40.90
N TYR A 133 -5.72 -23.43 -40.28
CA TYR A 133 -6.62 -23.49 -39.12
C TYR A 133 -6.14 -22.65 -37.92
N THR A 134 -4.82 -22.57 -37.74
CA THR A 134 -4.23 -21.96 -36.56
C THR A 134 -4.86 -20.57 -36.35
N CYS A 135 -5.02 -19.85 -37.44
CA CYS A 135 -5.62 -18.54 -37.45
C CYS A 135 -7.12 -18.52 -37.78
N HIS A 136 -7.52 -19.21 -38.85
CA HIS A 136 -8.88 -19.12 -39.38
C HIS A 136 -9.90 -19.88 -38.52
N ARG A 137 -9.51 -20.99 -37.92
CA ARG A 137 -10.46 -21.73 -37.10
C ARG A 137 -11.80 -21.98 -37.81
N GLY A 138 -11.75 -22.33 -39.10
CA GLY A 138 -12.95 -22.73 -39.83
C GLY A 138 -13.76 -21.64 -40.47
N THR A 139 -13.25 -20.40 -40.50
CA THR A 139 -13.99 -19.30 -41.16
C THR A 139 -13.08 -18.46 -42.08
N PRO A 140 -13.62 -17.96 -43.18
CA PRO A 140 -12.80 -17.11 -44.03
C PRO A 140 -12.12 -15.93 -43.30
N LEU A 141 -12.87 -15.24 -42.45
CA LEU A 141 -12.29 -14.15 -41.64
C LEU A 141 -11.79 -14.81 -40.36
N PRO A 142 -10.49 -14.70 -40.09
CA PRO A 142 -10.05 -15.18 -38.79
C PRO A 142 -10.72 -14.40 -37.63
N PRO A 143 -11.04 -15.08 -36.53
CA PRO A 143 -11.78 -14.45 -35.43
C PRO A 143 -11.00 -13.37 -34.67
N TYR A 144 -9.67 -13.43 -34.69
CA TYR A 144 -8.83 -12.44 -33.95
C TYR A 144 -7.84 -11.73 -34.88
N VAL A 145 -8.25 -10.57 -35.38
CA VAL A 145 -7.44 -9.76 -36.27
C VAL A 145 -7.39 -8.33 -35.72
N ARG A 146 -6.52 -7.52 -36.31
CA ARG A 146 -6.34 -6.13 -35.91
C ARG A 146 -6.34 -5.17 -37.10
N TYR A 147 -6.93 -4.02 -36.86
CA TYR A 147 -6.90 -2.88 -37.77
C TYR A 147 -5.93 -1.83 -37.25
N LEU A 148 -5.85 -0.66 -37.89
CA LEU A 148 -4.91 0.34 -37.46
C LEU A 148 -5.52 1.21 -36.35
N GLU A 149 -6.69 0.80 -35.86
CA GLU A 149 -7.23 1.35 -34.63
C GLU A 149 -7.87 0.24 -33.86
N PRO A 150 -7.97 0.39 -32.54
CA PRO A 150 -8.52 -0.70 -31.74
C PRO A 150 -10.00 -0.96 -32.07
N THR A 151 -10.37 -2.23 -32.07
CA THR A 151 -11.72 -2.66 -32.38
C THR A 151 -12.22 -3.64 -31.32
N LEU A 152 -13.53 -3.63 -31.10
CA LEU A 152 -14.17 -4.60 -30.21
C LEU A 152 -15.43 -5.12 -30.87
N PRO A 153 -15.83 -6.36 -30.55
CA PRO A 153 -15.17 -7.28 -29.64
C PRO A 153 -13.84 -7.79 -30.22
N LEU A 154 -12.97 -8.28 -29.36
CA LEU A 154 -11.73 -8.89 -29.83
C LEU A 154 -11.99 -10.02 -30.82
N ASN A 155 -13.02 -10.82 -30.51
CA ASN A 155 -13.51 -11.90 -31.38
C ASN A 155 -14.60 -11.35 -32.26
N ASN A 156 -14.30 -11.24 -33.56
CA ASN A 156 -15.23 -10.62 -34.52
C ASN A 156 -16.44 -11.52 -34.88
N ARG A 157 -16.51 -12.73 -34.31
CA ARG A 157 -17.71 -13.53 -34.42
C ARG A 157 -18.83 -13.08 -33.45
N GLU A 158 -18.43 -12.29 -32.45
CA GLU A 158 -19.34 -11.70 -31.47
C GLU A 158 -19.94 -10.43 -32.00
N THR A 159 -21.24 -10.25 -31.78
CA THR A 159 -21.91 -9.00 -32.18
C THR A 159 -21.47 -7.80 -31.31
N PRO A 160 -21.03 -6.71 -31.95
CA PRO A 160 -20.68 -5.51 -31.20
C PRO A 160 -21.88 -4.75 -30.65
N THR A 161 -21.68 -4.06 -29.54
CA THR A 161 -22.66 -3.11 -29.05
C THR A 161 -22.42 -1.85 -29.85
N HIS A 162 -23.34 -0.92 -29.74
CA HIS A 162 -23.19 0.36 -30.39
C HIS A 162 -21.88 1.05 -29.93
N VAL A 163 -21.62 1.02 -28.63
CA VAL A 163 -20.48 1.72 -28.05
C VAL A 163 -19.17 1.04 -28.45
N GLU A 164 -19.20 -0.29 -28.66
CA GLU A 164 -18.02 -1.04 -29.11
C GLU A 164 -17.63 -0.73 -30.57
N ARG A 165 -18.59 -0.32 -31.39
CA ARG A 165 -18.33 -0.01 -32.79
C ARG A 165 -17.37 1.16 -32.95
N VAL A 166 -16.50 1.03 -33.93
CA VAL A 166 -15.35 1.90 -34.10
C VAL A 166 -15.78 3.31 -34.41
N GLU A 167 -16.98 3.45 -34.98
CA GLU A 167 -17.55 4.73 -35.33
C GLU A 167 -18.04 5.49 -34.10
N THR A 168 -18.30 4.80 -33.00
CA THR A 168 -18.83 5.48 -31.82
C THR A 168 -17.64 5.96 -31.02
N ARG A 169 -17.38 7.25 -31.10
CA ARG A 169 -16.17 7.81 -30.51
C ARG A 169 -16.13 7.67 -28.99
N SER A 170 -17.28 7.65 -28.34
CA SER A 170 -17.32 7.58 -26.88
C SER A 170 -16.76 6.28 -26.31
N GLY A 171 -16.61 5.26 -27.15
CA GLY A 171 -16.15 3.94 -26.68
C GLY A 171 -14.67 3.68 -26.86
N TYR A 172 -13.94 4.67 -27.38
CA TYR A 172 -12.51 4.54 -27.71
C TYR A 172 -11.68 4.05 -26.54
N VAL A 173 -11.81 4.68 -25.40
CA VAL A 173 -10.96 4.33 -24.26
C VAL A 173 -11.16 2.87 -23.86
N VAL A 174 -12.38 2.37 -24.04
CA VAL A 174 -12.66 0.94 -23.68
C VAL A 174 -12.09 -0.02 -24.73
N ARG A 175 -12.14 0.36 -25.99
CA ARG A 175 -11.51 -0.41 -27.05
C ARG A 175 -10.02 -0.55 -26.85
N LEU A 176 -9.39 0.54 -26.44
CA LEU A 176 -7.97 0.51 -26.07
C LEU A 176 -7.80 -0.37 -24.84
N ALA A 177 -8.63 -0.14 -23.82
CA ALA A 177 -8.44 -0.85 -22.55
C ALA A 177 -8.53 -2.37 -22.71
N LYS A 178 -9.52 -2.81 -23.48
CA LYS A 178 -9.77 -4.23 -23.65
C LYS A 178 -8.75 -4.90 -24.53
N TYR A 179 -7.86 -4.13 -25.15
CA TYR A 179 -6.67 -4.64 -25.84
C TYR A 179 -5.41 -4.69 -24.97
N THR A 180 -5.47 -4.09 -23.78
CA THR A 180 -4.32 -4.04 -22.88
C THR A 180 -4.68 -4.60 -21.52
N ALA A 181 -5.49 -5.65 -21.54
CA ALA A 181 -5.81 -6.38 -20.31
C ALA A 181 -6.54 -5.46 -19.31
N TYR A 182 -7.34 -4.53 -19.83
CA TYR A 182 -8.22 -3.65 -19.05
C TYR A 182 -7.50 -2.44 -18.40
N SER A 183 -6.24 -2.20 -18.77
CA SER A 183 -5.47 -1.08 -18.22
C SER A 183 -5.95 0.23 -18.89
N ALA A 184 -5.62 1.38 -18.29
CA ALA A 184 -5.93 2.71 -18.84
C ALA A 184 -4.76 3.24 -19.68
N LEU A 185 -3.79 2.39 -20.01
CA LEU A 185 -2.63 2.80 -20.82
C LEU A 185 -3.10 3.36 -22.16
N ASN A 186 -2.75 4.60 -22.41
CA ASN A 186 -3.32 5.35 -23.53
C ASN A 186 -2.56 5.12 -24.85
N TYR A 187 -2.28 3.87 -25.16
CA TYR A 187 -1.46 3.47 -26.30
C TYR A 187 -2.00 2.23 -26.96
N ASP A 188 -2.03 2.25 -28.30
CA ASP A 188 -2.32 1.03 -29.08
C ASP A 188 -1.01 0.28 -29.43
N PRO A 189 -0.67 -0.79 -28.70
CA PRO A 189 0.58 -1.48 -28.97
C PRO A 189 0.59 -2.21 -30.33
N PHE A 190 -0.58 -2.48 -30.92
CA PHE A 190 -0.59 -3.10 -32.23
C PHE A 190 0.04 -2.21 -33.26
N THR A 191 -0.54 -1.04 -33.50
CA THR A 191 0.00 -0.19 -34.53
C THR A 191 1.42 0.29 -34.18
N MET A 192 1.66 0.57 -32.91
CA MET A 192 2.99 1.01 -32.50
C MET A 192 4.10 -0.02 -32.71
N PHE A 193 3.86 -1.29 -32.35
CA PHE A 193 4.90 -2.28 -32.28
C PHE A 193 4.77 -3.47 -33.18
N LEU A 194 3.57 -3.83 -33.61
CA LEU A 194 3.39 -5.11 -34.37
C LEU A 194 3.06 -4.94 -35.86
N ALA A 195 2.54 -3.80 -36.26
CA ALA A 195 2.22 -3.57 -37.69
C ALA A 195 3.51 -3.49 -38.52
N ASN A 196 4.57 -2.96 -37.92
CA ASN A 196 5.83 -2.78 -38.61
C ASN A 196 7.01 -2.74 -37.63
N ASP A 197 8.20 -2.49 -38.14
CA ASP A 197 9.43 -2.55 -37.35
C ASP A 197 9.97 -1.16 -37.02
N LYS A 198 9.10 -0.15 -36.99
CA LYS A 198 9.56 1.21 -36.86
C LYS A 198 10.00 1.57 -35.45
N ARG A 199 9.49 0.86 -34.44
CA ARG A 199 9.73 1.24 -33.05
C ARG A 199 10.50 0.18 -32.30
N GLN A 200 11.19 0.63 -31.27
CA GLN A 200 11.93 -0.21 -30.37
C GLN A 200 11.12 -0.46 -29.10
N VAL A 201 10.86 -1.74 -28.79
CA VAL A 201 10.15 -2.09 -27.59
C VAL A 201 10.99 -1.76 -26.33
N ARG A 202 12.29 -1.99 -26.40
CA ARG A 202 13.11 -1.79 -25.22
C ARG A 202 13.21 -0.31 -24.90
N VAL A 203 13.13 -0.01 -23.60
CA VAL A 203 13.14 1.37 -23.07
C VAL A 203 14.07 1.61 -21.87
N VAL A 204 14.63 0.53 -21.33
CA VAL A 204 15.38 0.59 -20.08
C VAL A 204 16.87 0.68 -20.42
N PRO A 205 17.60 1.59 -19.78
CA PRO A 205 19.03 1.69 -19.96
C PRO A 205 19.77 0.39 -19.58
N GLN A 206 20.89 0.13 -20.25
CA GLN A 206 21.70 -1.02 -19.89
C GLN A 206 22.98 -0.56 -19.18
N THR A 207 22.95 0.66 -18.63
CA THR A 207 24.00 1.16 -17.73
C THR A 207 23.42 1.68 -16.42
N ALA A 208 24.22 1.68 -15.35
CA ALA A 208 23.78 2.22 -14.06
C ALA A 208 23.52 3.71 -14.13
N LEU A 209 24.48 4.41 -14.75
CA LEU A 209 24.46 5.87 -14.81
C LEU A 209 23.96 6.33 -16.16
N PRO A 210 23.38 7.56 -16.22
CA PRO A 210 22.95 8.09 -17.51
C PRO A 210 24.12 8.45 -18.44
N LEU A 211 24.14 7.87 -19.63
CA LEU A 211 25.19 8.18 -20.61
C LEU A 211 25.03 9.61 -21.11
N VAL A 212 26.14 10.35 -21.09
CA VAL A 212 26.13 11.74 -21.54
C VAL A 212 25.89 11.76 -23.05
N GLY A 213 25.03 12.68 -23.48
CA GLY A 213 24.66 12.83 -24.89
C GLY A 213 23.40 12.11 -25.28
N VAL A 214 22.86 11.25 -24.43
CA VAL A 214 21.58 10.64 -24.72
C VAL A 214 20.56 10.88 -23.61
N SER A 215 20.91 11.67 -22.61
CA SER A 215 20.14 11.71 -21.37
C SER A 215 19.50 13.05 -20.99
N ARG A 216 19.57 14.05 -21.87
CA ARG A 216 19.03 15.36 -21.56
C ARG A 216 18.17 15.90 -22.71
N GLY A 217 17.03 16.48 -22.38
CA GLY A 217 16.19 17.17 -23.37
C GLY A 217 15.76 16.33 -24.55
N LYS A 218 15.90 16.89 -25.74
CA LYS A 218 15.47 16.21 -26.96
C LYS A 218 16.36 15.05 -27.40
N GLU A 219 17.45 14.81 -26.67
CA GLU A 219 18.27 13.63 -26.86
C GLU A 219 17.51 12.43 -26.40
N ARG A 220 16.57 12.63 -25.47
CA ARG A 220 15.90 11.52 -24.79
C ARG A 220 14.65 11.01 -25.49
N ARG A 221 14.40 9.73 -25.35
CA ARG A 221 13.10 9.23 -25.70
C ARG A 221 12.10 9.78 -24.67
N PRO A 222 10.85 10.04 -25.09
CA PRO A 222 9.82 10.51 -24.16
C PRO A 222 9.40 9.35 -23.27
N LEU A 223 8.94 9.66 -22.06
CA LEU A 223 8.52 8.61 -21.13
C LEU A 223 7.33 7.79 -21.67
N SER A 224 6.55 8.39 -22.55
CA SER A 224 5.48 7.69 -23.29
C SER A 224 5.90 6.32 -23.83
N ASP A 225 7.13 6.21 -24.33
CA ASP A 225 7.61 4.91 -24.82
C ASP A 225 7.53 3.80 -23.79
N ALA A 226 7.83 4.13 -22.54
CA ALA A 226 7.77 3.14 -21.44
C ALA A 226 6.32 2.70 -21.17
N TYR A 227 5.40 3.65 -21.18
CA TYR A 227 3.98 3.31 -21.04
C TYR A 227 3.54 2.43 -22.20
N ALA A 228 4.00 2.74 -23.41
CA ALA A 228 3.60 2.02 -24.64
C ALA A 228 4.11 0.61 -24.65
N THR A 229 5.35 0.45 -24.19
CA THR A 229 5.92 -0.89 -23.97
C THR A 229 5.17 -1.70 -22.93
N PHE A 230 4.78 -1.06 -21.83
CA PHE A 230 3.97 -1.74 -20.82
C PHE A 230 2.61 -2.23 -21.45
N ALA A 231 1.99 -1.39 -22.26
CA ALA A 231 0.76 -1.69 -23.01
C ALA A 231 0.97 -2.89 -23.91
N LEU A 232 2.08 -2.95 -24.63
CA LEU A 232 2.37 -4.11 -25.45
C LEU A 232 2.45 -5.34 -24.58
N MET A 233 3.10 -5.22 -23.45
CA MET A 233 3.28 -6.40 -22.59
C MET A 233 2.01 -6.91 -21.91
N MET A 234 1.14 -5.97 -21.57
CA MET A 234 -0.19 -6.26 -21.07
C MET A 234 -0.97 -7.03 -22.14
N SER A 235 -0.93 -6.52 -23.37
CA SER A 235 -1.54 -7.21 -24.55
C SER A 235 -0.97 -8.61 -24.82
N ILE A 236 0.35 -8.73 -24.87
CA ILE A 236 1.03 -10.03 -25.09
C ILE A 236 0.62 -10.98 -23.99
N SER A 237 0.65 -10.48 -22.75
CA SER A 237 0.27 -11.34 -21.61
C SER A 237 -1.15 -11.87 -21.74
N ASP A 238 -2.07 -10.98 -22.05
CA ASP A 238 -3.47 -11.37 -22.21
C ASP A 238 -3.66 -12.30 -23.44
N SER A 239 -2.96 -11.98 -24.52
CA SER A 239 -3.06 -12.75 -25.78
C SER A 239 -2.61 -14.20 -25.62
N LEU A 240 -1.77 -14.47 -24.62
CA LEU A 240 -1.26 -15.82 -24.40
C LEU A 240 -1.82 -16.43 -23.17
N GLY A 241 -2.72 -15.72 -22.51
CA GLY A 241 -3.31 -16.26 -21.29
C GLY A 241 -2.27 -16.39 -20.19
N THR A 242 -1.37 -15.42 -20.09
CA THR A 242 -0.29 -15.58 -19.11
C THR A 242 0.06 -14.26 -18.44
N ASN A 243 1.10 -14.27 -17.62
CA ASN A 243 1.56 -13.09 -16.89
C ASN A 243 3.06 -12.88 -17.13
N CYS A 244 3.60 -11.81 -16.56
CA CYS A 244 4.95 -11.30 -16.86
C CYS A 244 6.01 -12.34 -16.51
N THR A 245 5.75 -13.08 -15.44
CA THR A 245 6.72 -14.10 -14.89
C THR A 245 6.91 -15.37 -15.73
N PHE A 246 6.08 -15.52 -16.75
CA PHE A 246 6.22 -16.57 -17.75
C PHE A 246 7.49 -16.34 -18.54
N CYS A 247 7.84 -15.06 -18.65
CA CYS A 247 8.96 -14.62 -19.46
C CYS A 247 10.07 -13.86 -18.71
N HIS A 248 9.71 -13.15 -17.66
CA HIS A 248 10.65 -12.27 -16.96
C HIS A 248 10.78 -12.61 -15.49
N ASN A 249 11.98 -12.41 -14.94
CA ASN A 249 12.13 -12.06 -13.51
C ASN A 249 11.97 -10.57 -13.40
N ALA A 250 10.85 -10.12 -12.79
CA ALA A 250 10.59 -8.68 -12.62
C ALA A 250 11.70 -7.88 -11.90
N GLN A 251 12.57 -8.56 -11.16
CA GLN A 251 13.81 -7.95 -10.60
C GLN A 251 14.48 -7.06 -11.63
N THR A 252 14.50 -7.55 -12.86
CA THR A 252 15.14 -6.82 -13.96
C THR A 252 14.58 -7.29 -15.30
N PHE A 253 13.51 -6.59 -15.72
CA PHE A 253 12.83 -6.88 -16.97
C PHE A 253 13.77 -6.82 -18.16
N GLU A 254 14.76 -5.94 -18.07
CA GLU A 254 15.61 -5.63 -19.21
C GLU A 254 16.79 -6.58 -19.39
N SER A 255 16.93 -7.53 -18.47
CA SER A 255 18.04 -8.47 -18.45
C SER A 255 17.68 -9.85 -18.99
N TRP A 256 18.63 -10.47 -19.67
CA TRP A 256 18.46 -11.80 -20.20
C TRP A 256 19.21 -12.75 -19.30
N GLY A 257 19.72 -13.85 -19.82
CA GLY A 257 20.43 -14.81 -18.97
C GLY A 257 19.49 -15.49 -18.01
N LYS A 258 19.88 -15.57 -16.76
CA LYS A 258 19.05 -16.19 -15.70
C LYS A 258 17.82 -15.39 -15.37
N LYS A 259 17.75 -14.15 -15.85
CA LYS A 259 16.67 -13.24 -15.53
C LYS A 259 15.49 -13.32 -16.53
N SER A 260 15.65 -14.10 -17.59
CA SER A 260 14.56 -14.36 -18.55
C SER A 260 14.42 -15.85 -18.79
N THR A 261 13.21 -16.28 -19.15
CA THR A 261 12.93 -17.67 -19.43
C THR A 261 13.16 -17.95 -20.91
N PRO A 262 13.33 -19.22 -21.27
CA PRO A 262 13.41 -19.53 -22.71
C PRO A 262 12.20 -19.00 -23.51
N GLN A 263 11.05 -18.91 -22.86
CA GLN A 263 9.85 -18.47 -23.53
C GLN A 263 10.00 -17.03 -23.95
N ARG A 264 10.76 -16.24 -23.19
CA ARG A 264 10.96 -14.83 -23.57
C ARG A 264 11.68 -14.70 -24.91
N ALA A 265 12.65 -15.56 -25.16
CA ALA A 265 13.37 -15.54 -26.42
C ALA A 265 12.45 -15.95 -27.56
N ILE A 266 11.58 -16.95 -27.33
CA ILE A 266 10.61 -17.34 -28.37
C ILE A 266 9.68 -16.16 -28.67
N ALA A 267 9.26 -15.46 -27.62
CA ALA A 267 8.41 -14.26 -27.76
C ALA A 267 9.04 -13.21 -28.64
N TRP A 268 10.34 -13.01 -28.43
CA TRP A 268 11.13 -12.03 -29.21
C TRP A 268 11.07 -12.36 -30.70
N TRP A 269 11.31 -13.62 -31.01
CA TRP A 269 11.17 -14.13 -32.39
C TRP A 269 9.74 -13.98 -32.92
N GLY A 270 8.77 -14.17 -32.02
CA GLY A 270 7.35 -13.96 -32.34
C GLY A 270 7.09 -12.55 -32.84
N ILE A 271 7.66 -11.57 -32.16
CA ILE A 271 7.46 -10.17 -32.58
C ILE A 271 8.02 -9.93 -33.98
N ARG A 272 9.20 -10.49 -34.23
CA ARG A 272 9.83 -10.37 -35.52
C ARG A 272 8.98 -11.05 -36.59
N MET A 273 8.48 -12.24 -36.28
CA MET A 273 7.64 -12.99 -37.22
C MET A 273 6.38 -12.23 -37.59
N VAL A 274 5.72 -11.68 -36.59
CA VAL A 274 4.47 -10.92 -36.76
C VAL A 274 4.69 -9.72 -37.65
N ARG A 275 5.80 -8.99 -37.43
CA ARG A 275 6.13 -7.81 -38.27
C ARG A 275 6.33 -8.17 -39.76
N ASP A 276 6.96 -9.32 -39.99
CA ASP A 276 7.18 -9.87 -41.34
C ASP A 276 5.83 -10.25 -41.98
N LEU A 277 5.03 -11.03 -41.25
CA LEU A 277 3.69 -11.37 -41.72
C LEU A 277 2.91 -10.11 -42.11
N ASN A 278 2.89 -9.10 -41.22
CA ASN A 278 2.11 -7.92 -41.44
C ASN A 278 2.66 -7.06 -42.55
N MET A 279 3.95 -6.75 -42.50
CA MET A 279 4.51 -5.88 -43.51
C MET A 279 4.54 -6.51 -44.91
N ASN A 280 4.87 -7.79 -44.98
CA ASN A 280 5.18 -8.41 -46.26
C ASN A 280 4.09 -9.30 -46.87
N TYR A 281 3.18 -9.80 -46.04
CA TYR A 281 2.11 -10.69 -46.50
C TYR A 281 0.69 -10.12 -46.32
N LEU A 282 0.39 -9.60 -45.14
CA LEU A 282 -0.99 -9.20 -44.80
C LEU A 282 -1.38 -7.79 -45.24
N ALA A 283 -0.60 -6.80 -44.83
CA ALA A 283 -0.91 -5.42 -45.23
C ALA A 283 -1.05 -5.22 -46.75
N PRO A 284 -0.14 -5.81 -47.58
CA PRO A 284 -0.31 -5.62 -49.02
C PRO A 284 -1.59 -6.22 -49.60
N LEU A 285 -2.30 -7.08 -48.87
CA LEU A 285 -3.57 -7.64 -49.38
C LEU A 285 -4.71 -6.61 -49.51
N ASN A 286 -4.53 -5.40 -48.97
CA ASN A 286 -5.57 -4.39 -49.14
C ASN A 286 -5.91 -4.14 -50.61
N ALA A 287 -4.95 -4.33 -51.50
CA ALA A 287 -5.18 -4.22 -52.95
C ALA A 287 -5.97 -5.40 -53.56
N SER A 288 -6.14 -6.48 -52.83
CA SER A 288 -6.82 -7.67 -53.34
C SER A 288 -8.19 -7.87 -52.72
N LEU A 289 -8.39 -7.32 -51.53
CA LEU A 289 -9.65 -7.50 -50.80
C LEU A 289 -10.71 -6.50 -51.22
N PRO A 290 -11.99 -6.86 -51.03
CA PRO A 290 -13.07 -5.90 -51.26
C PRO A 290 -13.06 -4.83 -50.18
N ALA A 291 -13.51 -3.64 -50.55
CA ALA A 291 -13.66 -2.54 -49.63
C ALA A 291 -14.28 -2.95 -48.29
N SER A 292 -15.26 -3.84 -48.34
CA SER A 292 -15.95 -4.29 -47.13
C SER A 292 -15.08 -5.04 -46.11
N ARG A 293 -13.88 -5.47 -46.50
CA ARG A 293 -12.94 -6.16 -45.57
C ARG A 293 -11.94 -5.21 -44.92
N LEU A 294 -11.83 -4.00 -45.45
CA LEU A 294 -10.81 -3.07 -45.05
C LEU A 294 -11.27 -2.22 -43.86
N GLY A 295 -10.30 -1.74 -43.09
CA GLY A 295 -10.60 -0.79 -42.02
C GLY A 295 -10.82 0.60 -42.54
N ARG A 296 -11.01 1.53 -41.61
CA ARG A 296 -11.37 2.90 -41.97
C ARG A 296 -10.26 3.70 -42.66
N GLN A 297 -9.02 3.22 -42.59
CA GLN A 297 -7.92 3.83 -43.31
C GLN A 297 -7.50 3.02 -44.55
N GLY A 298 -8.30 2.02 -44.93
CA GLY A 298 -8.07 1.22 -46.13
C GLY A 298 -7.13 0.06 -45.90
N GLU A 299 -6.96 -0.32 -44.64
CA GLU A 299 -5.99 -1.28 -44.28
C GLU A 299 -6.65 -2.68 -44.32
N ALA A 300 -5.88 -3.70 -44.67
CA ALA A 300 -6.33 -5.08 -44.57
C ALA A 300 -6.24 -5.47 -43.11
N PRO A 301 -7.11 -6.40 -42.63
CA PRO A 301 -6.93 -6.93 -41.28
C PRO A 301 -5.55 -7.60 -41.17
N GLN A 302 -4.93 -7.47 -40.00
CA GLN A 302 -3.56 -7.90 -39.83
C GLN A 302 -3.54 -8.76 -38.58
N ALA A 303 -2.38 -9.35 -38.31
CA ALA A 303 -2.20 -10.31 -37.23
C ALA A 303 -1.44 -9.74 -36.01
N ASP A 304 -1.82 -10.24 -34.84
CA ASP A 304 -1.08 -10.03 -33.60
C ASP A 304 -0.89 -11.41 -32.96
N CYS A 305 -0.42 -11.48 -31.70
CA CYS A 305 -0.13 -12.75 -31.03
C CYS A 305 -1.41 -13.56 -30.88
N ARG A 306 -2.51 -12.85 -30.62
CA ARG A 306 -3.77 -13.51 -30.33
C ARG A 306 -4.34 -14.23 -31.56
N THR A 307 -4.12 -13.69 -32.74
CA THR A 307 -4.58 -14.30 -34.01
C THR A 307 -4.34 -15.80 -34.01
N CYS A 308 -3.13 -16.21 -33.62
CA CYS A 308 -2.80 -17.64 -33.45
C CYS A 308 -3.02 -18.17 -32.06
N HIS A 309 -2.58 -17.43 -31.04
CA HIS A 309 -2.50 -17.98 -29.67
C HIS A 309 -3.88 -18.09 -29.03
N GLN A 310 -4.71 -17.07 -29.28
CA GLN A 310 -6.09 -17.05 -28.78
C GLN A 310 -6.19 -17.45 -27.30
N GLY A 311 -5.36 -16.84 -26.47
CA GLY A 311 -5.46 -16.96 -25.02
C GLY A 311 -4.68 -18.11 -24.43
N VAL A 312 -3.79 -18.72 -25.21
CA VAL A 312 -3.06 -19.92 -24.79
C VAL A 312 -1.58 -19.71 -25.14
N THR A 313 -0.70 -20.16 -24.26
CA THR A 313 0.73 -19.89 -24.39
C THR A 313 1.39 -20.58 -25.59
N LYS A 314 0.89 -21.75 -25.97
CA LYS A 314 1.15 -22.35 -27.29
C LYS A 314 -0.22 -22.39 -28.00
N PRO A 315 -0.29 -21.95 -29.28
CA PRO A 315 -1.56 -22.06 -29.98
C PRO A 315 -2.05 -23.51 -29.99
N LEU A 316 -3.32 -23.71 -29.71
CA LEU A 316 -3.96 -25.05 -29.74
C LEU A 316 -3.24 -26.00 -28.82
N PHE A 317 -2.66 -25.45 -27.76
CA PHE A 317 -1.91 -26.26 -26.78
C PHE A 317 -0.81 -27.10 -27.40
N GLY A 318 -0.23 -26.58 -28.48
CA GLY A 318 0.84 -27.27 -29.19
C GLY A 318 0.45 -28.36 -30.16
N ALA A 319 -0.83 -28.48 -30.51
CA ALA A 319 -1.26 -29.38 -31.60
C ALA A 319 -0.53 -29.02 -32.89
N SER A 320 -0.18 -30.03 -33.69
CA SER A 320 0.62 -29.85 -34.90
C SER A 320 0.04 -30.72 -36.01
N ARG A 321 0.09 -30.23 -37.25
CA ARG A 321 -0.13 -31.05 -38.42
C ARG A 321 1.06 -30.98 -39.36
N LEU A 322 2.22 -30.68 -38.83
CA LEU A 322 3.39 -30.35 -39.67
C LEU A 322 3.79 -31.52 -40.57
N LYS A 323 3.91 -32.69 -39.97
CA LYS A 323 4.31 -33.89 -40.72
C LYS A 323 3.22 -34.39 -41.66
N ASP A 324 1.97 -33.99 -41.40
CA ASP A 324 0.81 -34.42 -42.19
C ASP A 324 0.66 -33.62 -43.48
N TYR A 325 1.15 -32.39 -43.46
CA TYR A 325 1.07 -31.49 -44.61
C TYR A 325 2.45 -30.89 -44.91
N PRO A 326 3.42 -31.71 -45.37
CA PRO A 326 4.78 -31.20 -45.71
C PRO A 326 4.78 -30.01 -46.70
N GLU A 327 3.74 -29.94 -47.53
CA GLU A 327 3.58 -28.90 -48.52
C GLU A 327 3.33 -27.51 -47.90
N LEU A 328 2.97 -27.46 -46.62
CA LEU A 328 2.89 -26.19 -45.93
C LEU A 328 4.20 -25.81 -45.21
N GLY A 329 5.25 -26.63 -45.37
CA GLY A 329 6.55 -26.31 -44.81
C GLY A 329 7.00 -27.24 -43.69
N PRO A 330 8.31 -27.26 -43.39
CA PRO A 330 9.34 -26.45 -44.06
C PRO A 330 9.67 -26.94 -45.46
N ILE A 331 9.89 -25.97 -46.35
CA ILE A 331 10.21 -26.21 -47.74
C ILE A 331 11.72 -26.21 -47.87
N LYS A 332 12.26 -27.32 -48.36
CA LYS A 332 13.69 -27.56 -48.52
C LYS A 332 14.30 -26.60 -49.52
N TYR B 2 29.40 9.61 -18.18
CA TYR B 2 28.14 9.35 -17.52
C TYR B 2 27.83 10.50 -16.58
N HIS B 3 26.56 10.92 -16.55
CA HIS B 3 26.13 11.91 -15.58
C HIS B 3 26.26 11.26 -14.21
N GLY B 4 26.81 12.01 -13.26
CA GLY B 4 26.88 11.52 -11.87
C GLY B 4 28.13 10.73 -11.52
N ALA B 5 28.99 10.46 -12.51
CA ALA B 5 30.24 9.72 -12.28
C ALA B 5 31.31 10.66 -11.69
N LEU B 6 32.04 10.17 -10.69
CA LEU B 6 33.11 10.93 -10.04
C LEU B 6 34.41 10.14 -10.08
N ALA B 7 35.49 10.75 -9.59
CA ALA B 7 36.79 10.07 -9.51
C ALA B 7 36.67 8.77 -8.70
N GLN B 8 37.54 7.80 -8.96
CA GLN B 8 37.44 6.43 -8.42
C GLN B 8 36.19 5.73 -9.02
N HIS B 9 35.77 4.59 -8.50
CA HIS B 9 34.52 3.96 -9.03
C HIS B 9 33.31 4.58 -8.30
N LEU B 10 33.41 5.89 -8.07
CA LEU B 10 32.54 6.64 -7.17
C LEU B 10 31.50 7.44 -7.96
N ASP B 11 30.28 7.55 -7.43
CA ASP B 11 29.27 8.34 -8.11
C ASP B 11 28.41 9.10 -7.13
N ILE B 12 27.72 10.12 -7.61
CA ILE B 12 26.93 11.01 -6.74
C ILE B 12 25.87 10.34 -5.86
N ALA B 13 25.05 9.47 -6.43
CA ALA B 13 24.04 8.75 -5.64
C ALA B 13 24.70 7.99 -4.49
N GLN B 14 25.85 7.41 -4.79
CA GLN B 14 26.61 6.66 -3.79
C GLN B 14 26.96 7.54 -2.58
N LEU B 15 27.44 8.76 -2.85
CA LEU B 15 27.83 9.69 -1.77
C LEU B 15 26.62 10.22 -1.03
N VAL B 16 25.50 10.40 -1.73
CA VAL B 16 24.27 10.82 -1.07
C VAL B 16 23.71 9.74 -0.14
N TRP B 17 23.93 8.47 -0.47
CA TRP B 17 23.52 7.38 0.41
C TRP B 17 24.15 7.49 1.81
N TYR B 18 25.48 7.69 1.83
CA TYR B 18 26.20 7.87 3.09
C TYR B 18 25.72 9.08 3.84
N ALA B 19 25.53 10.20 3.13
CA ALA B 19 24.98 11.42 3.73
C ALA B 19 23.59 11.24 4.37
N GLN B 20 22.74 10.45 3.72
CA GLN B 20 21.39 10.26 4.19
C GLN B 20 21.40 9.45 5.47
N TRP B 21 22.18 8.37 5.49
CA TRP B 21 22.30 7.58 6.72
C TRP B 21 22.92 8.40 7.85
N LEU B 22 23.89 9.24 7.53
CA LEU B 22 24.51 10.10 8.55
C LEU B 22 23.50 11.08 9.13
N VAL B 23 22.69 11.71 8.28
CA VAL B 23 21.62 12.61 8.73
C VAL B 23 20.62 11.91 9.64
N ILE B 24 20.13 10.74 9.23
CA ILE B 24 19.17 9.96 10.01
C ILE B 24 19.71 9.58 11.40
N TRP B 25 20.91 9.01 11.45
CA TRP B 25 21.50 8.64 12.74
C TRP B 25 21.84 9.82 13.63
N THR B 26 22.22 10.94 13.02
CA THR B 26 22.46 12.17 13.77
C THR B 26 21.17 12.66 14.41
N VAL B 27 20.09 12.72 13.64
CA VAL B 27 18.80 13.16 14.17
C VAL B 27 18.31 12.20 15.24
N VAL B 28 18.32 10.90 14.95
CA VAL B 28 17.82 9.92 15.89
C VAL B 28 18.62 9.96 17.20
N LEU B 29 19.94 9.82 17.11
CA LEU B 29 20.77 9.68 18.31
C LEU B 29 21.11 11.00 19.00
N LEU B 30 21.37 12.05 18.23
CA LEU B 30 21.78 13.34 18.82
C LEU B 30 20.60 14.32 19.05
N TYR B 31 19.40 14.03 18.54
CA TYR B 31 18.27 14.93 18.78
C TYR B 31 17.13 14.18 19.42
N LEU B 32 16.58 13.22 18.72
CA LEU B 32 15.37 12.58 19.18
C LEU B 32 15.58 11.87 20.51
N ARG B 33 16.69 11.13 20.61
CA ARG B 33 16.99 10.38 21.83
C ARG B 33 17.35 11.28 22.99
N ARG B 34 17.77 12.51 22.70
CA ARG B 34 17.97 13.50 23.76
C ARG B 34 16.65 14.10 24.26
N GLU B 35 15.72 14.33 23.34
CA GLU B 35 14.39 14.84 23.68
C GLU B 35 13.64 13.79 24.52
N ASP B 36 13.91 12.52 24.26
CA ASP B 36 13.29 11.42 24.97
C ASP B 36 13.68 11.37 26.46
N ARG B 37 14.77 12.02 26.81
CA ARG B 37 15.29 12.04 28.17
C ARG B 37 14.88 13.25 29.03
N ARG B 38 13.89 14.01 28.59
CA ARG B 38 13.46 15.18 29.36
C ARG B 38 12.54 14.81 30.52
N GLU B 39 12.17 13.54 30.64
CA GLU B 39 11.45 13.02 31.83
C GLU B 39 12.14 11.75 32.34
N GLY B 40 12.20 11.60 33.66
CA GLY B 40 12.74 10.41 34.28
C GLY B 40 14.23 10.37 34.47
N TYR B 41 14.93 11.42 34.08
CA TYR B 41 16.40 11.44 34.24
C TYR B 41 16.76 12.53 35.25
N PRO B 42 17.89 12.35 35.96
CA PRO B 42 18.82 11.23 35.85
C PRO B 42 18.24 9.96 36.42
N LEU B 43 18.69 8.82 35.89
CA LEU B 43 18.21 7.50 36.32
C LEU B 43 18.60 7.21 37.75
N VAL B 44 17.94 6.23 38.35
CA VAL B 44 18.20 5.85 39.74
C VAL B 44 18.53 4.36 39.87
N GLU B 45 19.10 3.97 41.01
CA GLU B 45 19.47 2.56 41.34
C GLU B 45 20.57 2.04 40.39
N GLU B 61 24.96 12.92 27.86
CA GLU B 61 23.83 12.45 27.06
C GLU B 61 22.53 13.24 27.33
N LEU B 62 22.51 14.06 28.40
CA LEU B 62 21.26 14.73 28.87
C LEU B 62 21.09 16.17 28.39
N PRO B 63 19.91 16.51 27.85
CA PRO B 63 19.76 17.85 27.30
C PRO B 63 19.71 18.95 28.36
N TYR B 64 19.98 20.17 27.93
CA TYR B 64 19.84 21.37 28.74
C TYR B 64 18.36 21.52 29.05
N PRO B 65 18.02 21.87 30.30
CA PRO B 65 16.62 21.88 30.69
C PRO B 65 15.73 22.74 29.79
N LYS B 66 14.48 22.30 29.62
CA LYS B 66 13.51 23.01 28.79
C LYS B 66 12.50 23.74 29.64
N THR B 67 12.30 25.02 29.35
CA THR B 67 11.37 25.87 30.08
C THR B 67 10.18 26.24 29.16
N PHE B 68 8.97 26.05 29.69
CA PHE B 68 7.71 26.41 29.03
C PHE B 68 7.07 27.62 29.72
N VAL B 69 6.61 28.58 28.92
CA VAL B 69 5.83 29.70 29.43
C VAL B 69 4.36 29.25 29.43
N LEU B 70 3.75 29.25 30.61
CA LEU B 70 2.42 28.66 30.77
C LEU B 70 1.30 29.61 30.27
N PRO B 71 0.16 29.05 29.85
CA PRO B 71 -0.97 29.88 29.34
C PRO B 71 -1.53 30.95 30.28
N HIS B 72 -1.39 30.77 31.59
CA HIS B 72 -2.06 31.67 32.53
C HIS B 72 -1.13 32.32 33.53
N GLY B 73 0.11 32.50 33.13
CA GLY B 73 1.13 33.16 33.95
C GLY B 73 2.08 32.10 34.51
N GLY B 74 3.33 32.50 34.75
CA GLY B 74 4.30 31.58 35.28
C GLY B 74 4.93 30.69 34.22
N THR B 75 5.92 29.92 34.68
CA THR B 75 6.68 29.00 33.82
C THR B 75 6.84 27.65 34.54
N VAL B 76 7.22 26.64 33.78
CA VAL B 76 7.66 25.36 34.32
C VAL B 76 8.93 24.96 33.56
N THR B 77 9.83 24.28 34.26
CA THR B 77 11.06 23.73 33.64
C THR B 77 11.04 22.22 33.87
N VAL B 78 11.20 21.45 32.80
CA VAL B 78 11.11 19.97 32.90
C VAL B 78 12.49 19.30 32.79
N PRO B 79 12.70 18.17 33.48
CA PRO B 79 11.77 17.47 34.37
C PRO B 79 11.52 18.18 35.70
N ARG B 80 10.34 17.95 36.28
CA ARG B 80 9.98 18.53 37.57
C ARG B 80 10.95 18.03 38.64
N ARG B 81 11.38 18.92 39.53
CA ARG B 81 12.03 18.53 40.79
C ARG B 81 11.06 18.99 41.88
N ARG B 82 10.48 18.06 42.64
CA ARG B 82 9.50 18.43 43.68
C ARG B 82 10.26 18.73 44.97
N PRO B 83 9.85 19.80 45.70
CA PRO B 83 10.44 20.09 47.01
C PRO B 83 10.14 19.03 48.05
N GLU B 84 9.08 18.23 47.82
CA GLU B 84 8.67 17.14 48.72
C GLU B 84 8.77 15.77 48.02
N THR B 85 9.02 14.73 48.81
CA THR B 85 9.28 13.38 48.29
C THR B 85 8.39 12.34 49.03
N ARG B 86 7.73 11.47 48.25
CA ARG B 86 6.74 10.52 48.81
C ARG B 86 7.37 9.21 49.33
N GLU B 87 6.70 8.62 50.31
CA GLU B 87 7.14 7.37 50.94
C GLU B 87 6.42 6.22 50.26
N LEU B 88 7.19 5.26 49.74
CA LEU B 88 6.61 4.12 49.03
C LEU B 88 6.45 2.96 49.98
N LYS B 89 5.20 2.58 50.22
CA LYS B 89 4.91 1.43 51.04
C LYS B 89 5.07 0.15 50.23
N LEU B 90 6.33 -0.16 49.90
CA LEU B 90 6.70 -1.31 49.09
C LEU B 90 7.90 -1.98 49.72
N ALA B 91 7.88 -3.31 49.78
CA ALA B 91 9.04 -4.09 50.22
C ALA B 91 9.56 -4.93 49.07
N GLN B 92 10.87 -5.16 49.06
CA GLN B 92 11.46 -6.00 48.03
C GLN B 92 11.18 -7.48 48.31
N THR B 93 11.00 -8.25 47.23
CA THR B 93 10.65 -9.66 47.33
C THR B 93 11.90 -10.55 47.35
N ASP B 94 13.04 -9.98 46.96
CA ASP B 94 14.30 -10.70 46.87
C ASP B 94 15.45 -9.72 46.69
N GLY B 95 16.67 -10.22 46.85
CA GLY B 95 17.87 -9.39 46.75
C GLY B 95 18.28 -9.04 45.34
N PHE B 96 17.82 -9.83 44.36
CA PHE B 96 18.15 -9.56 42.95
C PHE B 96 17.72 -8.15 42.54
N GLU B 97 18.63 -7.42 41.89
CA GLU B 97 18.40 -6.05 41.42
C GLU B 97 17.09 -5.84 40.65
N GLY B 98 16.70 -6.85 39.88
CA GLY B 98 15.47 -6.75 39.07
C GLY B 98 14.24 -7.39 39.69
N ALA B 99 14.29 -7.75 40.96
CA ALA B 99 13.14 -8.40 41.62
C ALA B 99 11.96 -7.43 41.76
N PRO B 100 10.73 -7.95 41.70
CA PRO B 100 9.57 -7.11 41.90
C PRO B 100 9.40 -6.68 43.36
N LEU B 101 8.67 -5.60 43.55
CA LEU B 101 8.34 -5.13 44.89
C LEU B 101 6.93 -5.57 45.28
N GLN B 102 6.69 -5.53 46.58
CA GLN B 102 5.45 -6.02 47.16
C GLN B 102 4.88 -4.98 48.11
N PRO B 103 3.59 -4.64 47.98
CA PRO B 103 2.97 -3.72 48.93
C PRO B 103 3.09 -4.17 50.37
N THR B 104 3.45 -3.23 51.25
CA THR B 104 3.56 -3.50 52.69
C THR B 104 2.26 -3.19 53.43
N GLY B 105 1.30 -2.53 52.77
CA GLY B 105 0.01 -2.26 53.38
C GLY B 105 -1.11 -2.49 52.40
N ASN B 106 -2.11 -1.61 52.43
CA ASN B 106 -3.17 -1.63 51.46
C ASN B 106 -2.70 -0.79 50.25
N PRO B 107 -2.49 -1.45 49.10
CA PRO B 107 -1.88 -0.73 47.95
C PRO B 107 -2.77 0.33 47.31
N LEU B 108 -4.09 0.22 47.47
CA LEU B 108 -4.98 1.19 46.91
C LEU B 108 -4.85 2.50 47.66
N VAL B 109 -4.89 2.43 48.98
CA VAL B 109 -4.76 3.64 49.81
C VAL B 109 -3.33 4.16 49.79
N ASP B 110 -2.35 3.26 49.86
CA ASP B 110 -0.94 3.63 49.81
C ASP B 110 -0.47 4.05 48.42
N ALA B 111 -1.28 3.77 47.39
CA ALA B 111 -1.05 4.20 46.01
C ALA B 111 0.31 3.72 45.49
N VAL B 112 0.48 2.41 45.43
CA VAL B 112 1.67 1.80 44.86
C VAL B 112 1.26 0.90 43.69
N GLY B 113 2.24 0.53 42.85
CA GLY B 113 1.96 -0.37 41.75
C GLY B 113 1.03 0.34 40.80
N PRO B 114 0.05 -0.37 40.22
CA PRO B 114 -0.89 0.35 39.38
C PRO B 114 -1.89 1.27 40.10
N ALA B 115 -1.84 1.35 41.43
CA ALA B 115 -2.58 2.36 42.20
C ALA B 115 -1.79 3.69 42.36
N SER B 116 -0.65 3.78 41.65
CA SER B 116 0.33 4.85 41.83
C SER B 116 -0.17 6.07 41.08
N TYR B 117 0.05 7.26 41.66
CA TYR B 117 -0.24 8.52 40.98
C TYR B 117 1.01 9.36 40.85
N ALA B 118 0.97 10.37 39.98
CA ALA B 118 2.09 11.26 39.80
C ALA B 118 1.86 12.50 40.64
N GLU B 119 2.96 13.16 41.00
CA GLU B 119 2.92 14.36 41.79
C GLU B 119 2.66 15.55 40.92
N ARG B 120 1.48 15.59 40.30
CA ARG B 120 1.14 16.69 39.40
C ARG B 120 0.89 17.95 40.22
N ALA B 121 0.77 19.10 39.58
CA ALA B 121 0.55 20.32 40.34
C ALA B 121 -0.80 20.22 41.10
N GLU B 122 -0.86 20.86 42.26
CA GLU B 122 -2.10 20.98 43.01
C GLU B 122 -2.79 22.27 42.58
N VAL B 123 -3.07 22.35 41.28
CA VAL B 123 -3.73 23.48 40.63
C VAL B 123 -4.84 22.89 39.82
N VAL B 124 -5.92 23.66 39.74
CA VAL B 124 -7.09 23.32 38.98
C VAL B 124 -6.75 23.59 37.52
N ASP B 125 -6.90 22.58 36.68
CA ASP B 125 -6.67 22.73 35.24
C ASP B 125 -7.66 23.77 34.73
N ALA B 126 -7.18 24.64 33.84
CA ALA B 126 -7.94 25.81 33.42
C ALA B 126 -8.37 25.75 31.96
N THR B 127 -9.44 26.46 31.64
CA THR B 127 -9.87 26.66 30.28
C THR B 127 -9.02 27.81 29.70
N VAL B 128 -9.15 28.04 28.40
CA VAL B 128 -8.40 29.11 27.72
C VAL B 128 -8.72 30.46 28.32
N ASP B 129 -9.95 30.63 28.80
CA ASP B 129 -10.37 31.89 29.40
C ASP B 129 -10.12 31.94 30.91
N GLY B 130 -9.49 30.92 31.46
CA GLY B 130 -9.06 30.92 32.84
C GLY B 130 -10.07 30.43 33.85
N LYS B 131 -11.10 29.72 33.41
CA LYS B 131 -12.10 29.14 34.35
C LYS B 131 -11.66 27.72 34.68
N ALA B 132 -12.24 27.09 35.70
CA ALA B 132 -11.96 25.68 36.02
C ALA B 132 -12.43 24.79 34.88
N LYS B 133 -11.59 23.86 34.43
CA LYS B 133 -11.87 23.11 33.21
C LYS B 133 -12.79 21.95 33.47
N ILE B 134 -12.47 21.16 34.48
CA ILE B 134 -13.22 19.97 34.84
C ILE B 134 -14.16 20.26 35.98
N VAL B 135 -15.44 20.35 35.68
CA VAL B 135 -16.45 20.79 36.67
C VAL B 135 -17.75 20.01 36.53
N PRO B 136 -18.49 19.87 37.65
CA PRO B 136 -19.76 19.17 37.58
C PRO B 136 -20.78 20.01 36.86
N LEU B 137 -21.79 19.37 36.28
CA LEU B 137 -22.88 20.09 35.62
C LEU B 137 -23.63 21.07 36.54
N ARG B 138 -23.67 20.83 37.85
CA ARG B 138 -24.24 21.83 38.76
C ARG B 138 -23.51 23.20 38.66
N VAL B 139 -22.21 23.17 38.30
CA VAL B 139 -21.43 24.39 38.03
C VAL B 139 -21.52 24.79 36.58
N ALA B 140 -21.33 23.84 35.68
CA ALA B 140 -21.38 24.12 34.25
C ALA B 140 -22.82 24.14 33.76
N THR B 141 -23.55 25.20 34.10
CA THR B 141 -25.01 25.23 33.88
C THR B 141 -25.40 25.49 32.42
N ASP B 142 -24.40 25.74 31.58
CA ASP B 142 -24.59 25.95 30.14
C ASP B 142 -24.31 24.67 29.36
N PHE B 143 -24.00 23.59 30.08
CA PHE B 143 -23.72 22.29 29.47
C PHE B 143 -24.86 21.27 29.68
N SER B 144 -24.94 20.30 28.78
CA SER B 144 -26.00 19.30 28.82
C SER B 144 -25.55 17.97 28.24
N ILE B 145 -26.41 16.97 28.38
CA ILE B 145 -26.18 15.65 27.82
C ILE B 145 -26.86 15.62 26.47
N ALA B 146 -26.17 15.10 25.46
CA ALA B 146 -26.73 14.98 24.12
C ALA B 146 -27.99 14.12 24.15
N GLU B 147 -29.01 14.53 23.40
CA GLU B 147 -30.23 13.73 23.28
C GLU B 147 -29.85 12.39 22.66
N GLY B 148 -30.34 11.31 23.26
CA GLY B 148 -30.05 9.96 22.81
C GLY B 148 -29.25 9.20 23.83
N ASP B 149 -28.48 9.90 24.65
CA ASP B 149 -27.64 9.27 25.65
C ASP B 149 -28.31 9.21 27.03
N VAL B 150 -27.85 8.27 27.83
CA VAL B 150 -28.28 8.08 29.21
C VAL B 150 -27.88 9.27 30.08
N ASP B 151 -28.81 9.79 30.87
CA ASP B 151 -28.48 10.65 32.00
C ASP B 151 -28.29 9.76 33.22
N PRO B 152 -27.04 9.59 33.69
CA PRO B 152 -26.77 8.63 34.77
C PRO B 152 -27.12 9.14 36.15
N ARG B 153 -27.44 10.42 36.27
CA ARG B 153 -27.81 11.00 37.56
C ARG B 153 -29.02 10.26 38.08
N GLY B 154 -28.90 9.85 39.34
CA GLY B 154 -29.92 9.09 40.02
C GLY B 154 -29.86 7.62 39.77
N LEU B 155 -28.90 7.13 38.98
CA LEU B 155 -28.80 5.69 38.74
C LEU B 155 -27.87 5.06 39.76
N PRO B 156 -28.12 3.79 40.13
CA PRO B 156 -27.22 3.10 41.01
C PRO B 156 -25.88 2.77 40.34
N VAL B 157 -24.80 2.85 41.10
CA VAL B 157 -23.49 2.34 40.71
C VAL B 157 -23.31 0.95 41.34
N VAL B 158 -23.08 -0.06 40.47
CA VAL B 158 -22.91 -1.46 40.90
C VAL B 158 -21.44 -1.86 40.72
N ALA B 159 -20.83 -2.32 41.83
CA ALA B 159 -19.40 -2.59 41.87
C ALA B 159 -19.13 -4.00 41.37
N ALA B 160 -17.85 -4.43 41.42
CA ALA B 160 -17.42 -5.71 40.84
C ALA B 160 -18.12 -6.92 41.47
N ASP B 161 -18.41 -6.80 42.76
CA ASP B 161 -19.11 -7.84 43.51
C ASP B 161 -20.63 -7.83 43.30
N GLY B 162 -21.11 -6.97 42.39
CA GLY B 162 -22.52 -6.89 42.10
C GLY B 162 -23.34 -6.22 43.19
N VAL B 163 -22.66 -5.53 44.10
CA VAL B 163 -23.30 -4.80 45.19
C VAL B 163 -23.38 -3.31 44.82
N GLU B 164 -24.52 -2.71 45.16
CA GLU B 164 -24.76 -1.30 44.88
C GLU B 164 -23.91 -0.44 45.81
N ALA B 165 -23.00 0.35 45.22
CA ALA B 165 -22.01 1.10 45.98
C ALA B 165 -22.50 2.50 46.35
N GLY B 166 -23.48 3.00 45.61
CA GLY B 166 -23.90 4.39 45.77
C GLY B 166 -24.76 4.78 44.59
N THR B 167 -25.04 6.08 44.46
CA THR B 167 -25.97 6.58 43.44
C THR B 167 -25.32 7.78 42.78
N VAL B 168 -25.36 7.83 41.44
CA VAL B 168 -24.75 8.94 40.70
C VAL B 168 -25.46 10.24 41.06
N THR B 169 -24.68 11.25 41.42
CA THR B 169 -25.19 12.57 41.72
C THR B 169 -24.88 13.59 40.61
N ASP B 170 -23.75 13.46 39.92
CA ASP B 170 -23.43 14.41 38.88
C ASP B 170 -22.43 13.87 37.87
N LEU B 171 -22.28 14.60 36.77
CA LEU B 171 -21.25 14.33 35.76
C LEU B 171 -20.30 15.49 35.75
N TRP B 172 -19.02 15.21 35.58
CA TRP B 172 -18.01 16.25 35.54
C TRP B 172 -17.56 16.35 34.09
N VAL B 173 -17.71 17.53 33.53
CA VAL B 173 -17.45 17.80 32.12
C VAL B 173 -16.16 18.59 31.94
N ASP B 174 -15.45 18.30 30.85
CA ASP B 174 -14.29 19.09 30.44
C ASP B 174 -14.83 20.21 29.55
N ARG B 175 -14.77 21.44 30.02
CA ARG B 175 -15.35 22.59 29.33
C ARG B 175 -14.57 23.03 28.12
N SER B 176 -13.32 22.61 28.06
CA SER B 176 -12.41 22.93 26.96
C SER B 176 -12.63 22.03 25.75
N GLU B 177 -12.93 20.75 26.00
CA GLU B 177 -13.09 19.75 24.94
C GLU B 177 -14.52 19.28 24.73
N HIS B 178 -15.42 19.68 25.62
CA HIS B 178 -16.83 19.29 25.59
C HIS B 178 -17.01 17.79 25.67
N TYR B 179 -16.56 17.22 26.77
CA TYR B 179 -16.40 15.80 26.91
C TYR B 179 -16.51 15.49 28.40
N PHE B 180 -17.40 14.59 28.79
CA PHE B 180 -17.50 14.15 30.17
C PHE B 180 -16.31 13.27 30.53
N ARG B 181 -15.71 13.53 31.70
CA ARG B 181 -14.59 12.75 32.19
C ARG B 181 -14.79 11.99 33.48
N TYR B 182 -15.73 12.40 34.32
CA TYR B 182 -16.03 11.63 35.56
C TYR B 182 -17.52 11.64 35.87
N LEU B 183 -17.94 10.62 36.60
CA LEU B 183 -19.17 10.64 37.35
C LEU B 183 -18.83 10.83 38.83
N GLU B 184 -19.75 11.47 39.54
CA GLU B 184 -19.65 11.66 40.95
C GLU B 184 -20.82 10.93 41.52
N LEU B 185 -20.55 10.12 42.55
CA LEU B 185 -21.58 9.37 43.22
C LEU B 185 -21.54 9.56 44.73
N SER B 186 -22.72 9.56 45.36
CA SER B 186 -22.79 9.42 46.80
C SER B 186 -22.36 7.98 47.17
N VAL B 187 -21.50 7.85 48.18
CA VAL B 187 -21.04 6.52 48.60
C VAL B 187 -21.98 6.04 49.69
N ALA B 188 -22.62 4.90 49.46
CA ALA B 188 -23.62 4.38 50.40
C ALA B 188 -22.98 4.08 51.72
N GLY B 189 -23.57 4.58 52.80
CA GLY B 189 -23.13 4.26 54.16
C GLY B 189 -21.94 5.04 54.67
N SER B 190 -21.48 6.02 53.88
CA SER B 190 -20.21 6.69 54.16
C SER B 190 -20.26 8.22 54.07
N ALA B 191 -21.46 8.79 53.94
CA ALA B 191 -21.65 10.25 54.12
C ALA B 191 -20.73 11.13 53.25
N ARG B 192 -20.39 10.67 52.05
CA ARG B 192 -19.44 11.39 51.19
C ARG B 192 -19.82 11.15 49.74
N THR B 193 -19.17 11.87 48.83
CA THR B 193 -19.22 11.52 47.43
C THR B 193 -17.83 11.18 46.91
N ALA B 194 -17.81 10.41 45.83
CA ALA B 194 -16.58 10.00 45.17
C ALA B 194 -16.70 10.25 43.67
N LEU B 195 -15.59 10.61 43.04
CA LEU B 195 -15.51 10.60 41.58
C LEU B 195 -14.98 9.27 41.05
N ILE B 196 -15.43 8.93 39.85
CA ILE B 196 -14.92 7.79 39.10
C ILE B 196 -14.76 8.26 37.66
N PRO B 197 -13.58 7.98 37.06
CA PRO B 197 -13.43 8.29 35.63
C PRO B 197 -14.41 7.47 34.76
N LEU B 198 -14.92 8.10 33.72
CA LEU B 198 -15.89 7.43 32.85
C LEU B 198 -15.30 6.21 32.18
N GLY B 199 -13.99 6.16 32.00
CA GLY B 199 -13.33 4.97 31.46
C GLY B 199 -13.45 3.75 32.33
N PHE B 200 -13.82 3.92 33.60
CA PHE B 200 -14.07 2.79 34.51
C PHE B 200 -15.56 2.42 34.67
N CYS B 201 -16.38 3.08 33.86
CA CYS B 201 -17.85 2.98 33.93
C CYS B 201 -18.42 2.36 32.67
N ASP B 202 -19.33 1.42 32.86
CA ASP B 202 -20.11 0.81 31.81
C ASP B 202 -21.54 1.35 32.03
N VAL B 203 -21.89 2.31 31.19
CA VAL B 203 -23.09 3.12 31.35
C VAL B 203 -24.26 2.38 30.70
N LYS B 204 -25.15 1.84 31.53
CA LYS B 204 -26.41 1.23 31.09
C LYS B 204 -27.58 2.17 31.44
N LYS B 205 -28.77 1.82 30.96
CA LYS B 205 -29.97 2.65 31.15
C LYS B 205 -30.45 2.72 32.58
N ASP B 206 -30.18 1.65 33.33
CA ASP B 206 -30.69 1.50 34.68
C ASP B 206 -29.59 1.43 35.73
N LYS B 207 -28.33 1.55 35.31
CA LYS B 207 -27.23 1.39 36.24
C LYS B 207 -25.90 1.68 35.57
N ILE B 208 -24.91 1.98 36.40
CA ILE B 208 -23.53 2.17 35.99
C ILE B 208 -22.72 1.03 36.59
N VAL B 209 -22.15 0.17 35.75
CA VAL B 209 -21.37 -0.99 36.19
C VAL B 209 -19.87 -0.66 36.25
N VAL B 210 -19.25 -0.98 37.38
CA VAL B 210 -17.85 -0.68 37.64
C VAL B 210 -17.22 -1.99 38.12
N THR B 211 -16.37 -2.61 37.30
CA THR B 211 -15.74 -3.89 37.67
C THR B 211 -14.32 -3.71 38.27
N SER B 212 -13.80 -2.48 38.26
CA SER B 212 -12.42 -2.24 38.75
C SER B 212 -12.26 -2.43 40.26
N ILE B 213 -13.27 -2.02 41.05
CA ILE B 213 -13.23 -2.21 42.50
C ILE B 213 -14.52 -2.82 43.05
N LEU B 214 -14.43 -3.41 44.24
CA LEU B 214 -15.58 -3.93 44.95
C LEU B 214 -16.34 -2.81 45.65
N SER B 215 -17.55 -3.09 46.11
CA SER B 215 -18.42 -2.06 46.70
C SER B 215 -17.80 -1.42 47.92
N GLU B 216 -17.29 -2.24 48.85
CA GLU B 216 -16.62 -1.72 50.05
C GLU B 216 -15.50 -0.70 49.71
N GLN B 217 -14.81 -0.94 48.59
CA GLN B 217 -13.61 -0.15 48.24
C GLN B 217 -13.88 1.29 47.81
N PHE B 218 -15.14 1.62 47.54
CA PHE B 218 -15.49 3.01 47.23
C PHE B 218 -15.30 3.96 48.41
N ALA B 219 -15.35 3.43 49.64
CA ALA B 219 -15.22 4.27 50.84
C ALA B 219 -13.91 5.06 50.88
N ASN B 220 -12.85 4.48 50.31
CA ASN B 220 -11.51 5.07 50.37
C ASN B 220 -11.00 5.66 49.06
N VAL B 221 -11.89 5.90 48.11
CA VAL B 221 -11.51 6.62 46.92
C VAL B 221 -10.93 7.98 47.38
N PRO B 222 -9.84 8.45 46.76
CA PRO B 222 -9.30 9.72 47.18
C PRO B 222 -10.30 10.86 47.19
N ARG B 223 -10.25 11.67 48.23
CA ARG B 223 -11.26 12.67 48.47
C ARG B 223 -10.76 13.95 47.87
N LEU B 224 -11.67 14.75 47.34
CA LEU B 224 -11.35 16.06 46.82
C LEU B 224 -11.29 17.10 47.93
N GLN B 225 -10.42 18.07 47.78
CA GLN B 225 -10.30 19.13 48.79
C GLN B 225 -11.52 20.06 48.76
N SER B 226 -12.05 20.30 47.56
CA SER B 226 -13.18 21.20 47.32
C SER B 226 -14.23 20.43 46.55
N ARG B 227 -15.50 20.65 46.89
CA ARG B 227 -16.60 19.88 46.31
C ARG B 227 -16.80 20.09 44.80
N ASP B 228 -16.56 21.31 44.32
CA ASP B 228 -16.91 21.73 42.95
C ASP B 228 -15.76 22.02 41.98
N GLN B 229 -14.55 21.65 42.40
CA GLN B 229 -13.40 21.74 41.53
C GLN B 229 -12.45 20.62 41.86
N ILE B 230 -11.48 20.37 40.96
CA ILE B 230 -10.54 19.27 41.15
C ILE B 230 -9.19 19.69 40.59
N THR B 231 -8.13 19.41 41.36
CA THR B 231 -6.76 19.70 40.89
C THR B 231 -6.21 18.57 39.99
N LEU B 232 -5.17 18.91 39.24
CA LEU B 232 -4.50 17.90 38.41
C LEU B 232 -4.01 16.71 39.23
N ARG B 233 -3.44 16.97 40.41
CA ARG B 233 -2.99 15.85 41.25
C ARG B 233 -4.14 14.99 41.74
N GLU B 234 -5.25 15.64 42.12
CA GLU B 234 -6.45 14.91 42.56
C GLU B 234 -6.99 14.04 41.44
N GLU B 235 -7.01 14.56 40.20
CA GLU B 235 -7.45 13.75 39.07
C GLU B 235 -6.61 12.50 38.94
N ASP B 236 -5.29 12.63 39.16
CA ASP B 236 -4.37 11.49 39.09
C ASP B 236 -4.62 10.51 40.22
N LYS B 237 -4.85 11.01 41.42
CA LYS B 237 -5.07 10.16 42.60
C LYS B 237 -6.34 9.37 42.40
N VAL B 238 -7.38 10.04 41.96
CA VAL B 238 -8.69 9.41 41.71
C VAL B 238 -8.60 8.31 40.65
N SER B 239 -8.10 8.66 39.46
CA SER B 239 -7.91 7.69 38.39
C SER B 239 -7.07 6.45 38.77
N ALA B 240 -5.97 6.70 39.46
CA ALA B 240 -5.04 5.64 39.88
C ALA B 240 -5.68 4.66 40.82
N TYR B 241 -6.58 5.14 41.69
CA TYR B 241 -7.20 4.26 42.68
C TYR B 241 -7.96 3.09 42.01
N TYR B 242 -8.78 3.42 41.01
CA TYR B 242 -9.53 2.39 40.25
C TYR B 242 -8.60 1.45 39.46
N ALA B 243 -7.57 2.04 38.84
CA ALA B 243 -6.59 1.27 38.10
C ALA B 243 -5.97 0.24 39.02
N GLY B 244 -5.66 0.66 40.24
CA GLY B 244 -5.13 -0.28 41.24
C GLY B 244 -6.02 -1.46 41.53
N GLY B 245 -7.34 -1.21 41.47
CA GLY B 245 -8.34 -2.25 41.65
C GLY B 245 -8.21 -3.40 40.66
N LEU B 246 -7.80 -3.07 39.45
CA LEU B 246 -7.65 -4.05 38.40
C LEU B 246 -6.69 -5.15 38.81
N LEU B 247 -5.66 -4.77 39.56
CA LEU B 247 -4.65 -5.72 40.07
C LEU B 247 -4.86 -6.10 41.53
N TYR B 248 -5.51 -5.22 42.30
CA TYR B 248 -5.66 -5.39 43.75
C TYR B 248 -7.09 -5.52 44.35
N ALA B 249 -8.15 -5.40 43.56
CA ALA B 249 -9.51 -5.48 44.14
C ALA B 249 -9.73 -6.75 44.96
N THR B 250 -9.14 -7.84 44.48
CA THR B 250 -9.17 -9.14 45.19
C THR B 250 -7.78 -9.78 45.10
N PRO B 251 -7.49 -10.77 45.96
CA PRO B 251 -6.19 -11.48 45.94
C PRO B 251 -5.85 -12.20 44.62
N GLU B 252 -6.87 -12.71 43.95
CA GLU B 252 -6.68 -13.50 42.74
C GLU B 252 -6.28 -12.62 41.55
N ARG B 253 -6.54 -11.32 41.65
CA ARG B 253 -6.26 -10.40 40.54
C ARG B 253 -4.78 -10.11 40.33
N ALA B 254 -3.96 -10.37 41.35
CA ALA B 254 -2.51 -10.21 41.26
C ALA B 254 -1.85 -11.49 40.78
N GLU B 255 -2.52 -12.63 40.97
CA GLU B 255 -1.99 -13.93 40.54
C GLU B 255 -2.16 -14.15 39.02
N SER B 256 -1.48 -15.15 38.47
CA SER B 256 -1.59 -15.54 37.06
C SER B 256 -3.04 -15.77 36.67
N LEU B 257 -3.41 -15.38 35.44
CA LEU B 257 -4.73 -15.71 34.89
C LEU B 257 -4.89 -17.23 34.73
N LEU B 258 -3.86 -17.88 34.21
CA LEU B 258 -3.90 -19.32 33.96
C LEU B 258 -2.89 -20.06 34.86
N ALA C 2 19.62 2.74 36.58
CA ALA C 2 18.91 1.71 35.76
C ALA C 2 17.39 1.95 35.72
N LEU C 3 16.82 2.59 36.75
CA LEU C 3 15.39 2.95 36.77
C LEU C 3 15.15 4.43 36.42
N LEU C 4 14.10 4.74 35.69
CA LEU C 4 13.69 6.14 35.57
C LEU C 4 13.29 6.66 36.96
N SER C 5 13.41 7.97 37.12
CA SER C 5 13.16 8.65 38.38
C SER C 5 11.81 8.30 39.02
N PHE C 6 10.82 7.98 38.21
CA PHE C 6 9.47 7.75 38.69
C PHE C 6 9.05 6.30 38.56
N GLU C 7 10.03 5.43 38.31
CA GLU C 7 9.75 4.07 37.90
C GLU C 7 9.51 3.09 39.05
N ARG C 8 10.23 3.27 40.16
CA ARG C 8 10.23 2.28 41.23
C ARG C 8 8.82 1.92 41.72
N LYS C 9 7.99 2.93 41.96
CA LYS C 9 6.64 2.71 42.50
C LYS C 9 5.76 1.75 41.69
N TYR C 10 6.02 1.64 40.38
CA TYR C 10 5.27 0.77 39.48
C TYR C 10 5.80 -0.65 39.38
N ARG C 11 7.02 -0.88 39.89
CA ARG C 11 7.69 -2.18 39.73
C ARG C 11 7.24 -3.22 40.77
N VAL C 12 5.96 -3.51 40.77
CA VAL C 12 5.38 -4.47 41.70
C VAL C 12 5.23 -5.84 41.04
N ARG C 13 5.01 -6.88 41.84
CA ARG C 13 4.69 -8.20 41.27
C ARG C 13 3.26 -8.19 40.77
N GLY C 14 2.98 -9.04 39.79
CA GLY C 14 1.60 -9.22 39.31
C GLY C 14 1.37 -8.94 37.85
N GLY C 15 0.21 -9.41 37.38
CA GLY C 15 -0.22 -9.16 36.03
C GLY C 15 0.12 -10.22 35.01
N THR C 16 0.78 -11.30 35.45
CA THR C 16 1.18 -12.37 34.53
C THR C 16 -0.02 -13.19 34.04
N LEU C 17 0.05 -13.69 32.81
CA LEU C 17 -0.98 -14.59 32.27
C LEU C 17 -0.70 -16.01 32.73
N ILE C 18 0.58 -16.38 32.74
CA ILE C 18 1.01 -17.66 33.30
C ILE C 18 2.38 -17.52 33.92
N GLY C 19 2.69 -18.43 34.83
CA GLY C 19 4.03 -18.53 35.43
C GLY C 19 4.13 -18.09 36.87
N GLY C 20 3.27 -17.16 37.28
CA GLY C 20 3.29 -16.62 38.62
C GLY C 20 4.52 -15.75 38.86
N ASP C 21 5.10 -15.91 40.03
CA ASP C 21 6.32 -15.20 40.43
C ASP C 21 7.57 -15.66 39.74
N LEU C 22 7.51 -16.80 39.06
CA LEU C 22 8.72 -17.51 38.64
C LEU C 22 9.53 -16.67 37.67
N PHE C 23 8.84 -16.03 36.73
CA PHE C 23 9.49 -15.20 35.73
C PHE C 23 9.13 -13.72 35.86
N ASP C 24 8.54 -13.36 36.99
CA ASP C 24 8.02 -12.00 37.18
C ASP C 24 9.14 -11.14 37.75
N PHE C 25 10.03 -10.70 36.86
CA PHE C 25 11.16 -9.85 37.23
C PHE C 25 11.67 -9.12 36.00
N TRP C 26 12.65 -8.23 36.21
CA TRP C 26 13.26 -7.45 35.13
C TRP C 26 14.74 -7.81 34.97
N VAL C 27 15.22 -7.70 33.73
CA VAL C 27 16.64 -7.75 33.41
C VAL C 27 16.98 -6.38 32.81
N GLY C 28 17.67 -5.56 33.59
CA GLY C 28 17.83 -4.16 33.24
C GLY C 28 16.46 -3.55 33.10
N PRO C 29 16.19 -2.86 31.97
CA PRO C 29 14.89 -2.25 31.75
C PRO C 29 13.83 -3.25 31.29
N TYR C 30 14.24 -4.40 30.77
CA TYR C 30 13.31 -5.32 30.14
C TYR C 30 12.54 -6.11 31.18
N PHE C 31 11.21 -6.12 31.08
CA PHE C 31 10.43 -7.08 31.84
C PHE C 31 10.63 -8.44 31.18
N VAL C 32 10.65 -9.49 31.99
CA VAL C 32 10.81 -10.83 31.47
C VAL C 32 9.45 -11.53 31.34
N GLY C 33 9.02 -12.25 32.39
CA GLY C 33 7.77 -13.00 32.31
C GLY C 33 7.93 -14.26 31.46
N PHE C 34 6.92 -15.13 31.48
CA PHE C 34 7.03 -16.44 30.81
C PHE C 34 7.29 -16.23 29.34
N PHE C 35 6.63 -15.22 28.80
CA PHE C 35 6.68 -14.93 27.36
C PHE C 35 7.94 -14.16 26.95
N GLY C 36 8.63 -13.59 27.93
CA GLY C 36 9.97 -13.07 27.72
C GLY C 36 10.89 -14.24 27.50
N VAL C 37 10.79 -15.25 28.34
CA VAL C 37 11.63 -16.42 28.22
C VAL C 37 11.37 -17.10 26.88
N SER C 38 10.10 -17.28 26.53
CA SER C 38 9.77 -17.93 25.26
C SER C 38 10.17 -17.08 24.06
N ALA C 39 10.04 -15.76 24.16
CA ALA C 39 10.49 -14.86 23.07
C ALA C 39 11.98 -15.03 22.81
N ILE C 40 12.80 -14.98 23.87
CA ILE C 40 14.26 -15.11 23.73
C ILE C 40 14.60 -16.46 23.15
N PHE C 41 13.89 -17.49 23.60
CA PHE C 41 14.08 -18.85 23.11
C PHE C 41 13.92 -18.86 21.57
N PHE C 42 12.76 -18.42 21.11
CA PHE C 42 12.46 -18.44 19.70
C PHE C 42 13.37 -17.51 18.88
N ILE C 43 13.74 -16.36 19.44
CA ILE C 43 14.65 -15.44 18.76
C ILE C 43 16.01 -16.12 18.59
N PHE C 44 16.54 -16.64 19.68
CA PHE C 44 17.81 -17.37 19.65
C PHE C 44 17.80 -18.52 18.62
N LEU C 45 16.75 -19.32 18.62
CA LEU C 45 16.62 -20.46 17.70
C LEU C 45 16.55 -19.93 16.25
N GLY C 46 15.71 -18.93 16.04
CA GLY C 46 15.48 -18.40 14.71
C GLY C 46 16.74 -17.76 14.15
N VAL C 47 17.43 -17.00 15.00
CA VAL C 47 18.63 -16.29 14.56
C VAL C 47 19.79 -17.28 14.36
N SER C 48 19.87 -18.33 15.17
CA SER C 48 20.89 -19.33 14.97
C SER C 48 20.67 -20.11 13.67
N LEU C 49 19.41 -20.36 13.30
CA LEU C 49 19.10 -21.06 12.05
C LEU C 49 19.40 -20.18 10.85
N ILE C 50 19.11 -18.88 10.96
CA ILE C 50 19.49 -17.91 9.93
C ILE C 50 21.01 -17.91 9.73
N GLY C 51 21.76 -17.91 10.84
CA GLY C 51 23.21 -18.00 10.80
C GLY C 51 23.72 -19.25 10.09
N TYR C 52 23.26 -20.42 10.53
CA TYR C 52 23.65 -21.69 9.90
C TYR C 52 23.27 -21.71 8.41
N ALA C 53 22.02 -21.35 8.09
CA ALA C 53 21.56 -21.33 6.71
C ALA C 53 22.37 -20.35 5.85
N ALA C 54 22.66 -19.17 6.39
CA ALA C 54 23.38 -18.12 5.64
C ALA C 54 24.83 -18.53 5.31
N SER C 55 25.43 -19.32 6.17
CA SER C 55 26.83 -19.72 6.02
C SER C 55 26.97 -20.76 4.91
N GLN C 56 25.86 -21.40 4.56
CA GLN C 56 25.84 -22.44 3.54
C GLN C 56 25.56 -21.81 2.17
N GLY C 57 25.29 -20.51 2.15
CA GLY C 57 24.93 -19.81 0.94
C GLY C 57 26.12 -19.17 0.27
N PRO C 58 25.87 -18.42 -0.81
CA PRO C 58 26.91 -17.87 -1.67
C PRO C 58 27.54 -16.54 -1.19
N THR C 59 26.87 -15.84 -0.27
CA THR C 59 27.33 -14.50 0.13
C THR C 59 27.04 -14.17 1.61
N TRP C 60 27.93 -13.36 2.19
CA TRP C 60 27.73 -12.78 3.54
C TRP C 60 27.32 -11.28 3.47
N ASP C 61 27.21 -10.73 2.25
CA ASP C 61 26.71 -9.37 2.06
C ASP C 61 25.27 -9.28 2.57
N PRO C 62 25.00 -8.33 3.50
CA PRO C 62 23.69 -8.24 4.18
C PRO C 62 22.53 -8.02 3.22
N PHE C 63 22.76 -7.20 2.19
CA PHE C 63 21.75 -6.93 1.16
C PHE C 63 21.44 -8.15 0.30
N ALA C 64 22.47 -8.96 0.05
CA ALA C 64 22.38 -10.06 -0.92
C ALA C 64 21.96 -11.43 -0.30
N ILE C 65 22.32 -11.72 0.97
CA ILE C 65 21.83 -12.91 1.72
C ILE C 65 20.30 -13.18 1.61
N SER C 66 19.93 -14.46 1.50
CA SER C 66 18.53 -14.87 1.27
C SER C 66 18.25 -16.33 1.64
N ILE C 67 17.24 -16.53 2.48
CA ILE C 67 16.81 -17.84 2.91
C ILE C 67 15.41 -18.06 2.37
N ASN C 68 15.30 -18.97 1.40
CA ASN C 68 14.11 -19.07 0.55
C ASN C 68 13.27 -20.28 0.87
N PRO C 69 11.97 -20.20 0.59
CA PRO C 69 11.05 -21.30 0.79
C PRO C 69 11.31 -22.39 -0.24
N PRO C 70 10.63 -23.55 -0.11
CA PRO C 70 10.85 -24.65 -1.01
C PRO C 70 10.24 -24.42 -2.39
N ASP C 71 10.64 -25.25 -3.35
CA ASP C 71 9.99 -25.30 -4.65
C ASP C 71 8.50 -25.64 -4.44
N LEU C 72 7.64 -25.21 -5.36
CA LEU C 72 6.21 -25.49 -5.29
C LEU C 72 5.98 -26.98 -5.10
N LYS C 73 6.82 -27.81 -5.73
CA LYS C 73 6.56 -29.25 -5.83
C LYS C 73 6.56 -29.99 -4.51
N TYR C 74 7.07 -29.37 -3.42
CA TYR C 74 7.05 -30.02 -2.11
C TYR C 74 5.69 -29.83 -1.43
N GLY C 75 4.84 -28.98 -2.01
CA GLY C 75 3.54 -28.75 -1.40
C GLY C 75 3.65 -28.17 0.00
N LEU C 76 2.91 -28.80 0.91
CA LEU C 76 2.88 -28.45 2.31
C LEU C 76 3.68 -29.45 3.18
N GLY C 77 4.45 -30.31 2.52
CA GLY C 77 5.32 -31.22 3.21
C GLY C 77 6.63 -30.59 3.67
N ALA C 78 7.32 -31.34 4.51
CA ALA C 78 8.70 -31.07 4.87
C ALA C 78 9.54 -30.96 3.59
N ALA C 79 10.54 -30.08 3.63
CA ALA C 79 11.48 -29.93 2.54
C ALA C 79 12.85 -30.10 3.16
N PRO C 80 13.86 -30.54 2.37
CA PRO C 80 15.20 -30.69 2.91
C PRO C 80 15.71 -29.35 3.37
N LEU C 81 16.57 -29.38 4.38
CA LEU C 81 16.98 -28.19 5.11
C LEU C 81 17.54 -27.12 4.18
N LEU C 82 18.40 -27.54 3.26
CA LEU C 82 19.02 -26.60 2.35
C LEU C 82 18.07 -26.16 1.21
N GLU C 83 17.03 -26.96 0.92
CA GLU C 83 16.10 -26.68 -0.18
CA GLU C 83 16.10 -26.68 -0.19
C GLU C 83 14.72 -26.22 0.29
N GLY C 84 14.67 -25.47 1.39
CA GLY C 84 13.41 -24.92 1.90
C GLY C 84 13.10 -25.20 3.36
N GLY C 85 13.75 -26.20 3.91
CA GLY C 85 13.55 -26.57 5.30
C GLY C 85 13.98 -25.54 6.35
N PHE C 86 15.10 -24.87 6.13
CA PHE C 86 15.52 -23.77 7.03
C PHE C 86 14.47 -22.66 7.08
N TRP C 87 13.96 -22.29 5.91
CA TRP C 87 12.89 -21.31 5.81
C TRP C 87 11.70 -21.77 6.69
N GLN C 88 11.34 -23.05 6.59
CA GLN C 88 10.17 -23.57 7.31
C GLN C 88 10.38 -23.46 8.83
N ALA C 89 11.57 -23.86 9.28
CA ALA C 89 11.92 -23.78 10.69
C ALA C 89 11.98 -22.32 11.14
N ILE C 90 12.62 -21.44 10.37
CA ILE C 90 12.71 -20.02 10.76
C ILE C 90 11.32 -19.39 10.91
N THR C 91 10.41 -19.74 10.01
CA THR C 91 9.04 -19.20 10.02
C THR C 91 8.33 -19.64 11.30
N VAL C 92 8.51 -20.89 11.74
CA VAL C 92 7.87 -21.31 12.97
C VAL C 92 8.44 -20.50 14.13
N CYS C 93 9.76 -20.28 14.12
CA CYS C 93 10.43 -19.50 15.17
C CYS C 93 9.95 -18.07 15.15
N ALA C 94 9.80 -17.54 13.96
CA ALA C 94 9.33 -16.19 13.81
C ALA C 94 7.98 -16.04 14.48
N LEU C 95 7.05 -16.95 14.22
CA LEU C 95 5.68 -16.80 14.77
C LEU C 95 5.68 -16.95 16.27
N GLY C 96 6.52 -17.86 16.77
CA GLY C 96 6.67 -18.02 18.21
C GLY C 96 7.16 -16.73 18.85
N ALA C 97 8.21 -16.15 18.27
CA ALA C 97 8.77 -14.91 18.78
C ALA C 97 7.67 -13.83 18.78
N PHE C 98 6.96 -13.67 17.66
CA PHE C 98 6.00 -12.55 17.54
C PHE C 98 4.84 -12.71 18.52
N ILE C 99 4.26 -13.90 18.55
CA ILE C 99 3.18 -14.21 19.50
C ILE C 99 3.65 -14.06 20.96
N SER C 100 4.83 -14.60 21.29
CA SER C 100 5.41 -14.37 22.60
C SER C 100 5.53 -12.87 22.90
N TRP C 101 6.03 -12.10 21.94
CA TRP C 101 6.19 -10.68 22.13
C TRP C 101 4.87 -10.03 22.52
N MET C 102 3.80 -10.45 21.84
CA MET C 102 2.50 -9.84 21.98
C MET C 102 1.98 -10.13 23.38
N LEU C 103 2.09 -11.39 23.80
CA LEU C 103 1.55 -11.84 25.08
C LEU C 103 2.33 -11.22 26.26
N ARG C 104 3.63 -11.02 26.07
CA ARG C 104 4.46 -10.30 27.03
C ARG C 104 3.98 -8.88 27.21
N GLU C 105 3.63 -8.23 26.12
CA GLU C 105 3.02 -6.91 26.18
C GLU C 105 1.71 -6.92 26.94
N VAL C 106 0.92 -7.98 26.81
CA VAL C 106 -0.28 -8.11 27.66
C VAL C 106 0.06 -8.13 29.14
N GLU C 107 1.05 -8.94 29.52
CA GLU C 107 1.51 -9.02 30.93
C GLU C 107 1.99 -7.68 31.47
N ILE C 108 2.71 -6.92 30.62
CA ILE C 108 3.22 -5.59 30.97
C ILE C 108 2.07 -4.61 31.19
N SER C 109 1.09 -4.65 30.28
CA SER C 109 -0.12 -3.85 30.39
C SER C 109 -0.88 -4.09 31.68
N ARG C 110 -1.07 -5.36 32.01
CA ARG C 110 -1.77 -5.75 33.20
C ARG C 110 -1.09 -5.19 34.45
N LYS C 111 0.21 -5.42 34.55
CA LYS C 111 1.00 -4.92 35.69
C LYS C 111 0.88 -3.42 35.88
N LEU C 112 0.77 -2.69 34.75
CA LEU C 112 0.70 -1.24 34.77
C LEU C 112 -0.72 -0.69 34.93
N GLY C 113 -1.71 -1.57 34.90
CA GLY C 113 -3.11 -1.18 35.06
C GLY C 113 -3.63 -0.35 33.90
N ILE C 114 -3.08 -0.59 32.71
CA ILE C 114 -3.48 0.11 31.50
C ILE C 114 -4.18 -0.87 30.57
N GLY C 115 -4.84 -0.34 29.55
CA GLY C 115 -5.55 -1.16 28.58
C GLY C 115 -4.60 -2.03 27.79
N TRP C 116 -5.14 -3.05 27.12
CA TRP C 116 -4.33 -3.96 26.30
C TRP C 116 -4.38 -3.55 24.82
N HIS C 117 -4.59 -2.26 24.57
CA HIS C 117 -4.74 -1.79 23.20
C HIS C 117 -3.47 -2.04 22.38
N VAL C 118 -2.29 -1.92 22.99
CA VAL C 118 -1.07 -2.09 22.19
C VAL C 118 -0.88 -3.52 21.75
N PRO C 119 -0.90 -4.52 22.67
CA PRO C 119 -0.83 -5.88 22.13
C PRO C 119 -1.92 -6.23 21.10
N LEU C 120 -3.14 -5.72 21.28
CA LEU C 120 -4.21 -5.99 20.32
C LEU C 120 -3.85 -5.41 18.94
N ALA C 121 -3.27 -4.22 18.95
CA ALA C 121 -2.88 -3.51 17.73
C ALA C 121 -1.75 -4.31 17.06
N PHE C 122 -0.88 -4.88 17.91
CA PHE C 122 0.25 -5.64 17.40
C PHE C 122 -0.20 -6.97 16.73
N CYS C 123 -1.38 -7.46 17.12
CA CYS C 123 -1.98 -8.63 16.46
C CYS C 123 -2.19 -8.38 14.96
N VAL C 124 -2.31 -7.13 14.57
CA VAL C 124 -2.54 -6.85 13.17
C VAL C 124 -1.35 -7.22 12.26
N PRO C 125 -0.12 -6.69 12.51
CA PRO C 125 1.02 -7.08 11.69
C PRO C 125 1.35 -8.57 11.77
N ILE C 126 1.05 -9.21 12.90
CA ILE C 126 1.26 -10.65 13.06
C ILE C 126 0.26 -11.40 12.17
N PHE C 127 -0.99 -10.95 12.19
CA PHE C 127 -2.01 -11.45 11.29
C PHE C 127 -1.60 -11.31 9.82
N MET C 128 -1.11 -10.15 9.39
CA MET C 128 -0.64 -9.99 8.01
C MET C 128 0.51 -10.94 7.66
N PHE C 129 1.50 -11.06 8.54
CA PHE C 129 2.57 -12.05 8.36
C PHE C 129 2.00 -13.43 8.02
N CYS C 130 1.00 -13.86 8.79
CA CYS C 130 0.32 -15.17 8.65
C CYS C 130 -0.46 -15.29 7.35
N VAL C 131 -1.02 -14.18 6.89
CA VAL C 131 -1.73 -14.16 5.63
C VAL C 131 -0.73 -14.47 4.53
N LEU C 132 0.37 -13.74 4.53
CA LEU C 132 1.42 -13.88 3.53
C LEU C 132 2.11 -15.23 3.52
N GLN C 133 2.47 -15.68 4.71
CA GLN C 133 3.34 -16.84 4.88
C GLN C 133 2.61 -18.15 5.18
N VAL C 134 1.36 -18.07 5.65
CA VAL C 134 0.61 -19.24 6.10
C VAL C 134 -0.70 -19.45 5.37
N PHE C 135 -1.61 -18.50 5.47
CA PHE C 135 -2.95 -18.71 4.93
C PHE C 135 -2.95 -18.79 3.42
N ARG C 136 -2.30 -17.83 2.76
CA ARG C 136 -2.31 -17.85 1.31
C ARG C 136 -1.59 -19.08 0.74
N PRO C 137 -0.40 -19.42 1.28
CA PRO C 137 0.25 -20.63 0.86
C PRO C 137 -0.58 -21.90 1.07
N LEU C 138 -1.28 -22.01 2.19
CA LEU C 138 -2.19 -23.16 2.44
C LEU C 138 -3.30 -23.22 1.41
N LEU C 139 -3.90 -22.09 1.06
CA LEU C 139 -4.97 -22.03 0.05
C LEU C 139 -4.49 -22.42 -1.33
N LEU C 140 -3.26 -22.07 -1.66
CA LEU C 140 -2.71 -22.42 -2.96
C LEU C 140 -2.06 -23.79 -2.97
N GLY C 141 -1.80 -24.30 -1.78
CA GLY C 141 -1.33 -25.65 -1.62
C GLY C 141 0.17 -25.90 -1.51
N SER C 142 0.97 -24.85 -1.36
CA SER C 142 2.42 -25.01 -1.26
CA SER C 142 2.40 -25.04 -1.19
C SER C 142 3.04 -23.92 -0.40
N TRP C 143 3.98 -24.30 0.47
CA TRP C 143 4.74 -23.28 1.23
C TRP C 143 5.62 -22.43 0.32
N GLY C 144 5.95 -22.96 -0.87
CA GLY C 144 6.71 -22.25 -1.87
C GLY C 144 6.17 -20.95 -2.40
N HIS C 145 4.91 -20.62 -2.09
CA HIS C 145 4.29 -19.33 -2.45
C HIS C 145 4.60 -18.14 -1.51
N ALA C 146 5.18 -18.48 -0.38
CA ALA C 146 5.55 -17.57 0.70
C ALA C 146 6.82 -16.81 0.34
N PHE C 147 7.08 -15.73 1.08
CA PHE C 147 8.17 -14.84 0.75
C PHE C 147 9.49 -15.25 1.43
N PRO C 148 10.63 -14.97 0.78
CA PRO C 148 11.92 -15.36 1.31
C PRO C 148 12.46 -14.32 2.32
N TYR C 149 13.34 -14.79 3.20
CA TYR C 149 13.94 -13.95 4.23
C TYR C 149 15.24 -13.40 3.68
N GLY C 150 15.16 -12.24 3.07
CA GLY C 150 16.32 -11.55 2.56
C GLY C 150 15.96 -10.08 2.42
N ILE C 151 16.88 -9.21 2.82
CA ILE C 151 16.63 -7.77 2.85
C ILE C 151 16.17 -7.28 1.50
N LEU C 152 16.89 -7.63 0.44
CA LEU C 152 16.49 -7.27 -0.92
C LEU C 152 15.69 -8.38 -1.61
N SER C 153 15.95 -9.65 -1.28
CA SER C 153 15.26 -10.73 -2.01
C SER C 153 13.77 -10.72 -1.80
N HIS C 154 13.30 -10.34 -0.62
CA HIS C 154 11.86 -10.32 -0.36
C HIS C 154 11.17 -9.26 -1.23
N LEU C 155 11.90 -8.24 -1.65
CA LEU C 155 11.34 -7.22 -2.56
C LEU C 155 11.19 -7.80 -3.97
N ASP C 156 12.07 -8.73 -4.34
CA ASP C 156 11.96 -9.42 -5.63
C ASP C 156 10.71 -10.30 -5.65
N TRP C 157 10.43 -10.98 -4.53
CA TRP C 157 9.16 -11.69 -4.40
C TRP C 157 7.95 -10.77 -4.52
N VAL C 158 7.99 -9.65 -3.81
CA VAL C 158 6.84 -8.74 -3.79
C VAL C 158 6.56 -8.31 -5.25
N ASN C 159 7.63 -7.99 -5.95
CA ASN C 159 7.64 -7.47 -7.29
C ASN C 159 6.99 -8.47 -8.26
N ASN C 160 7.56 -9.67 -8.33
CA ASN C 160 7.01 -10.71 -9.18
C ASN C 160 5.58 -11.07 -8.83
N PHE C 161 5.24 -11.15 -7.54
CA PHE C 161 3.88 -11.44 -7.08
C PHE C 161 2.91 -10.43 -7.69
N GLY C 162 3.20 -9.15 -7.55
CA GLY C 162 2.30 -8.15 -8.10
C GLY C 162 2.13 -8.34 -9.60
N TYR C 163 3.24 -8.41 -10.34
CA TYR C 163 3.20 -8.59 -11.78
C TYR C 163 2.61 -9.93 -12.27
N GLN C 164 2.50 -10.93 -11.40
CA GLN C 164 1.80 -12.14 -11.77
C GLN C 164 0.32 -11.81 -12.05
N TYR C 165 -0.15 -10.68 -11.52
CA TYR C 165 -1.53 -10.27 -11.67
C TYR C 165 -1.54 -9.01 -12.56
N LEU C 166 -0.46 -8.89 -13.32
CA LEU C 166 -0.29 -7.92 -14.43
C LEU C 166 -0.08 -6.49 -14.00
N ASN C 167 -1.06 -5.96 -13.27
CA ASN C 167 -0.88 -4.65 -12.63
C ASN C 167 -1.57 -4.67 -11.28
N TRP C 168 -0.76 -4.92 -10.26
CA TRP C 168 -1.25 -5.05 -8.92
C TRP C 168 -1.86 -3.77 -8.37
N HIS C 169 -1.49 -2.61 -8.92
CA HIS C 169 -2.09 -1.37 -8.46
C HIS C 169 -3.63 -1.36 -8.60
N TYR C 170 -4.16 -2.18 -9.50
CA TYR C 170 -5.60 -2.20 -9.76
C TYR C 170 -6.29 -3.18 -8.80
N ASN C 171 -5.52 -3.83 -7.95
CA ASN C 171 -6.11 -4.73 -6.94
C ASN C 171 -6.89 -3.90 -5.93
N PRO C 172 -8.20 -4.17 -5.78
CA PRO C 172 -9.02 -3.28 -4.93
C PRO C 172 -8.64 -3.27 -3.45
N GLY C 173 -8.23 -4.41 -2.92
CA GLY C 173 -7.74 -4.49 -1.54
C GLY C 173 -6.40 -3.76 -1.37
N HIS C 174 -5.60 -3.76 -2.43
CA HIS C 174 -4.41 -2.92 -2.47
C HIS C 174 -4.74 -1.43 -2.48
N MET C 175 -5.72 -1.05 -3.28
CA MET C 175 -6.08 0.35 -3.33
C MET C 175 -6.49 0.87 -1.93
N SER C 176 -7.28 0.07 -1.22
CA SER C 176 -7.68 0.40 0.14
C SER C 176 -6.44 0.47 1.03
N SER C 177 -5.61 -0.58 1.00
CA SER C 177 -4.37 -0.61 1.78
C SER C 177 -3.48 0.63 1.62
N VAL C 178 -3.21 1.00 0.38
CA VAL C 178 -2.38 2.14 0.06
C VAL C 178 -2.99 3.41 0.58
N SER C 179 -4.28 3.58 0.34
CA SER C 179 -5.00 4.78 0.79
C SER C 179 -4.86 4.93 2.31
N PHE C 180 -4.93 3.83 3.04
CA PHE C 180 -4.77 3.90 4.47
C PHE C 180 -3.34 4.21 4.85
N LEU C 181 -2.37 3.66 4.08
CA LEU C 181 -0.95 3.90 4.35
C LEU C 181 -0.70 5.38 4.26
N PHE C 182 -1.21 5.95 3.18
CA PHE C 182 -0.99 7.36 2.90
C PHE C 182 -1.69 8.32 3.90
N VAL C 183 -3.00 8.13 4.10
CA VAL C 183 -3.73 8.94 5.05
C VAL C 183 -3.20 8.76 6.49
N ASN C 184 -2.74 7.57 6.85
CA ASN C 184 -2.13 7.38 8.14
C ASN C 184 -0.83 8.23 8.29
N ALA C 185 0.02 8.23 7.26
CA ALA C 185 1.28 8.93 7.36
C ALA C 185 1.00 10.44 7.42
N MET C 186 0.04 10.86 6.63
CA MET C 186 -0.38 12.25 6.64
C MET C 186 -0.91 12.66 8.02
N ALA C 187 -1.78 11.82 8.56
CA ALA C 187 -2.42 12.12 9.84
C ALA C 187 -1.43 12.13 11.01
N LEU C 188 -0.42 11.25 10.99
CA LEU C 188 0.65 11.28 12.00
C LEU C 188 1.45 12.59 11.96
N GLY C 189 1.81 13.06 10.78
CA GLY C 189 2.45 14.37 10.64
C GLY C 189 1.57 15.53 11.10
N LEU C 190 0.27 15.47 10.79
CA LEU C 190 -0.66 16.53 11.25
C LEU C 190 -0.78 16.49 12.76
N HIS C 191 -0.92 15.29 13.31
CA HIS C 191 -1.09 15.18 14.75
C HIS C 191 0.19 15.56 15.51
N GLY C 192 1.32 14.97 15.13
CA GLY C 192 2.58 15.31 15.77
C GLY C 192 2.85 16.80 15.64
N GLY C 193 2.60 17.33 14.46
CA GLY C 193 2.78 18.76 14.19
C GLY C 193 1.87 19.65 15.03
N LEU C 194 0.62 19.24 15.19
CA LEU C 194 -0.33 20.01 15.98
C LEU C 194 0.10 20.04 17.44
N ILE C 195 0.41 18.88 18.03
CA ILE C 195 0.85 18.85 19.43
C ILE C 195 2.11 19.71 19.65
N LEU C 196 3.07 19.63 18.73
CA LEU C 196 4.32 20.35 18.89
C LEU C 196 4.09 21.83 18.69
N SER C 197 3.17 22.19 17.79
CA SER C 197 2.86 23.61 17.52
C SER C 197 2.25 24.33 18.73
N VAL C 198 1.50 23.58 19.54
CA VAL C 198 0.87 24.09 20.74
C VAL C 198 1.84 24.18 21.93
N ALA C 199 2.72 23.19 22.08
CA ALA C 199 3.71 23.19 23.15
C ALA C 199 4.94 24.00 22.84
N ASN C 200 5.16 24.32 21.56
CA ASN C 200 6.36 25.01 21.10
C ASN C 200 5.98 26.16 20.18
N PRO C 201 5.25 27.14 20.72
CA PRO C 201 4.82 28.28 19.93
C PRO C 201 5.95 29.16 19.42
N GLY C 202 7.13 29.06 20.04
CA GLY C 202 8.28 29.81 19.62
C GLY C 202 8.58 30.99 20.49
N ASP C 203 9.72 31.61 20.25
CA ASP C 203 10.13 32.84 20.93
C ASP C 203 9.97 32.59 22.42
N GLY C 204 9.39 33.51 23.17
CA GLY C 204 8.97 33.17 24.55
C GLY C 204 7.45 33.30 24.64
N ASP C 205 6.74 32.71 23.69
CA ASP C 205 5.29 32.75 23.73
C ASP C 205 4.75 31.68 24.64
N LYS C 206 3.52 31.91 25.08
CA LYS C 206 2.84 30.99 25.96
C LYS C 206 2.47 29.72 25.24
N VAL C 207 2.67 28.60 25.92
CA VAL C 207 2.07 27.35 25.49
C VAL C 207 0.54 27.55 25.33
N LYS C 208 -0.04 26.98 24.29
CA LYS C 208 -1.46 27.12 24.07
C LYS C 208 -2.27 25.97 24.66
N THR C 209 -3.47 25.74 24.12
CA THR C 209 -4.51 25.00 24.85
C THR C 209 -5.21 23.98 23.99
N ALA C 210 -5.96 23.10 24.66
CA ALA C 210 -6.93 22.20 24.04
C ALA C 210 -7.82 22.96 23.07
N GLU C 211 -8.26 24.16 23.48
CA GLU C 211 -9.16 24.96 22.64
C GLU C 211 -8.45 25.45 21.39
N HIS C 212 -7.18 25.81 21.51
CA HIS C 212 -6.39 26.23 20.33
C HIS C 212 -6.26 25.06 19.35
N GLU C 213 -6.08 23.83 19.84
CA GLU C 213 -5.94 22.69 18.91
C GLU C 213 -7.18 22.60 18.05
N ASN C 214 -8.35 22.66 18.68
CA ASN C 214 -9.58 22.49 17.93
C ASN C 214 -9.84 23.66 17.02
N GLN C 215 -9.46 24.85 17.47
CA GLN C 215 -9.65 26.02 16.64
C GLN C 215 -8.82 25.93 15.34
N TYR C 216 -7.61 25.40 15.44
CA TYR C 216 -6.72 25.33 14.30
C TYR C 216 -7.37 24.55 13.16
N PHE C 217 -7.78 23.32 13.46
CA PHE C 217 -8.41 22.49 12.43
C PHE C 217 -9.80 22.90 12.02
N ARG C 218 -10.58 23.47 12.92
CA ARG C 218 -11.85 24.02 12.49
C ARG C 218 -11.62 25.14 11.51
N ASP C 219 -10.63 25.97 11.75
CA ASP C 219 -10.30 27.04 10.83
C ASP C 219 -9.81 26.49 9.48
N VAL C 220 -8.89 25.54 9.50
CA VAL C 220 -8.27 25.12 8.25
C VAL C 220 -9.21 24.23 7.44
N VAL C 221 -9.88 23.25 8.06
CA VAL C 221 -10.73 22.28 7.31
C VAL C 221 -12.23 22.24 7.72
N GLY C 222 -12.62 23.06 8.69
CA GLY C 222 -14.02 23.16 9.10
C GLY C 222 -14.48 22.07 10.07
N TYR C 223 -13.52 21.32 10.60
CA TYR C 223 -13.81 20.20 11.48
C TYR C 223 -12.57 19.83 12.28
N SER C 224 -12.74 19.58 13.58
CA SER C 224 -11.66 19.03 14.40
C SER C 224 -12.17 17.79 15.12
N ILE C 225 -11.48 16.66 14.95
CA ILE C 225 -11.96 15.39 15.48
C ILE C 225 -11.85 15.30 17.03
N GLY C 226 -10.81 15.91 17.61
CA GLY C 226 -10.63 15.90 19.08
C GLY C 226 -9.39 15.17 19.54
N ALA C 227 -8.98 15.44 20.78
CA ALA C 227 -7.70 15.02 21.29
C ALA C 227 -7.68 13.52 21.53
N LEU C 228 -8.72 12.97 22.14
CA LEU C 228 -8.77 11.51 22.34
C LEU C 228 -9.01 10.79 20.98
N SER C 229 -9.93 11.35 20.22
CA SER C 229 -10.42 10.75 19.01
C SER C 229 -9.38 10.60 17.93
N ILE C 230 -8.41 11.51 17.88
CA ILE C 230 -7.37 11.39 16.88
C ILE C 230 -6.48 10.19 17.11
N HIS C 231 -6.42 9.74 18.37
CA HIS C 231 -5.68 8.55 18.74
C HIS C 231 -6.42 7.27 18.36
N ARG C 232 -7.73 7.26 18.57
CA ARG C 232 -8.54 6.20 18.04
C ARG C 232 -8.51 6.19 16.54
N LEU C 233 -8.55 7.36 15.90
CA LEU C 233 -8.54 7.39 14.46
C LEU C 233 -7.21 6.89 13.93
N GLY C 234 -6.09 7.36 14.47
CA GLY C 234 -4.78 6.89 14.05
C GLY C 234 -4.60 5.37 14.17
N LEU C 235 -5.04 4.80 15.27
CA LEU C 235 -5.00 3.35 15.41
C LEU C 235 -5.86 2.66 14.33
N PHE C 236 -7.00 3.26 14.02
CA PHE C 236 -7.93 2.70 13.04
C PHE C 236 -7.33 2.75 11.63
N LEU C 237 -6.72 3.87 11.30
CA LEU C 237 -6.15 4.05 9.98
C LEU C 237 -4.95 3.14 9.77
N ALA C 238 -4.07 3.09 10.75
CA ALA C 238 -2.88 2.28 10.68
C ALA C 238 -3.30 0.81 10.53
N SER C 239 -4.14 0.35 11.45
CA SER C 239 -4.61 -1.04 11.45
C SER C 239 -5.17 -1.42 10.11
N ASN C 240 -5.95 -0.53 9.52
CA ASN C 240 -6.62 -0.88 8.27
C ASN C 240 -5.71 -0.96 7.05
N ILE C 241 -4.44 -0.54 7.18
CA ILE C 241 -3.47 -0.76 6.11
C ILE C 241 -3.48 -2.27 5.85
N PHE C 242 -3.42 -3.06 6.93
CA PHE C 242 -3.32 -4.48 6.79
C PHE C 242 -4.66 -5.20 6.89
N LEU C 243 -5.62 -4.67 7.66
CA LEU C 243 -6.91 -5.32 7.73
C LEU C 243 -7.62 -5.33 6.37
N THR C 244 -7.49 -4.25 5.59
CA THR C 244 -8.03 -4.24 4.24
C THR C 244 -7.06 -4.91 3.23
N GLY C 245 -5.75 -4.67 3.37
CA GLY C 245 -4.75 -5.28 2.50
C GLY C 245 -4.86 -6.78 2.41
N ALA C 246 -5.03 -7.40 3.57
CA ALA C 246 -5.16 -8.86 3.69
C ALA C 246 -6.15 -9.41 2.69
N PHE C 247 -7.23 -8.69 2.41
CA PHE C 247 -8.22 -9.18 1.47
C PHE C 247 -7.68 -9.23 0.06
N GLY C 248 -6.97 -8.18 -0.36
CA GLY C 248 -6.33 -8.15 -1.63
C GLY C 248 -5.22 -9.18 -1.81
N THR C 249 -4.59 -9.58 -0.72
CA THR C 249 -3.51 -10.57 -0.77
C THR C 249 -4.08 -11.97 -0.97
N ILE C 250 -5.02 -12.30 -0.10
CA ILE C 250 -5.61 -13.61 -0.12
C ILE C 250 -6.48 -13.83 -1.36
N ALA C 251 -7.04 -12.79 -1.92
CA ALA C 251 -7.82 -12.95 -3.15
C ALA C 251 -6.96 -13.42 -4.34
N SER C 252 -5.68 -13.05 -4.33
CA SER C 252 -4.83 -13.11 -5.51
C SER C 252 -4.32 -14.52 -5.67
N GLY C 253 -4.92 -15.26 -6.60
CA GLY C 253 -4.61 -16.67 -6.78
C GLY C 253 -5.78 -17.51 -6.35
N PRO C 254 -6.02 -17.62 -5.04
CA PRO C 254 -7.12 -18.44 -4.54
C PRO C 254 -8.55 -18.04 -5.02
N PHE C 255 -8.79 -16.75 -5.26
CA PHE C 255 -10.09 -16.27 -5.67
C PHE C 255 -10.05 -15.37 -6.92
N TRP C 256 -8.89 -15.23 -7.57
CA TRP C 256 -8.77 -14.47 -8.82
C TRP C 256 -7.45 -14.91 -9.47
N THR C 257 -7.52 -15.28 -10.75
CA THR C 257 -6.36 -15.77 -11.49
C THR C 257 -6.03 -14.91 -12.67
N ARG C 258 -6.87 -13.91 -12.93
CA ARG C 258 -6.60 -12.99 -14.03
C ARG C 258 -5.78 -11.81 -13.55
N GLY C 259 -5.51 -10.86 -14.43
CA GLY C 259 -4.90 -9.62 -14.01
C GLY C 259 -5.92 -8.78 -13.24
N TRP C 260 -5.41 -7.88 -12.39
CA TRP C 260 -6.29 -7.11 -11.52
C TRP C 260 -7.10 -6.11 -12.26
N PRO C 261 -6.51 -5.45 -13.27
CA PRO C 261 -7.35 -4.49 -13.99
C PRO C 261 -8.64 -5.11 -14.55
N GLU C 262 -8.53 -6.34 -15.04
CA GLU C 262 -9.69 -7.06 -15.60
C GLU C 262 -10.80 -7.32 -14.57
N TRP C 263 -10.46 -7.36 -13.30
CA TRP C 263 -11.47 -7.60 -12.27
C TRP C 263 -12.54 -6.49 -12.34
N TRP C 264 -12.13 -5.30 -12.78
CA TRP C 264 -13.03 -4.15 -12.82
C TRP C 264 -14.08 -4.21 -13.93
N GLY C 265 -14.03 -5.29 -14.72
CA GLY C 265 -15.09 -5.64 -15.66
C GLY C 265 -16.47 -5.82 -15.01
N TRP C 266 -16.53 -6.13 -13.71
CA TRP C 266 -17.80 -6.22 -13.01
C TRP C 266 -18.56 -4.89 -13.20
N TRP C 267 -17.82 -3.78 -13.21
CA TRP C 267 -18.37 -2.44 -13.42
C TRP C 267 -18.39 -2.04 -14.89
N LEU C 268 -17.24 -2.17 -15.55
CA LEU C 268 -17.11 -1.68 -16.92
C LEU C 268 -18.04 -2.40 -17.90
N ASP C 269 -18.22 -3.70 -17.67
CA ASP C 269 -18.87 -4.58 -18.64
C ASP C 269 -20.37 -4.77 -18.38
N ILE C 270 -20.93 -4.05 -17.41
CA ILE C 270 -22.39 -4.06 -17.17
C ILE C 270 -23.07 -3.77 -18.52
N PRO C 271 -23.97 -4.69 -18.98
CA PRO C 271 -24.52 -4.56 -20.33
C PRO C 271 -25.17 -3.22 -20.69
N PHE C 272 -25.83 -2.56 -19.75
CA PHE C 272 -26.60 -1.41 -20.15
C PHE C 272 -25.74 -0.20 -20.53
N TRP C 273 -24.48 -0.13 -20.07
CA TRP C 273 -23.61 0.94 -20.60
C TRP C 273 -22.44 0.50 -21.50
N SER C 274 -22.42 -0.78 -21.83
CA SER C 274 -21.45 -1.35 -22.74
C SER C 274 -21.79 -1.13 -24.20
N ALA D 2 -12.71 -3.60 30.37
CA ALA D 2 -12.51 -2.85 29.11
C ALA D 2 -12.88 -1.39 29.33
N ASP D 3 -12.16 -0.48 28.68
CA ASP D 3 -12.53 0.91 28.72
C ASP D 3 -13.39 1.21 27.51
N TYR D 4 -14.72 1.22 27.71
CA TYR D 4 -15.65 1.46 26.61
C TYR D 4 -15.49 2.85 25.97
N GLN D 5 -14.96 3.80 26.72
CA GLN D 5 -14.72 5.15 26.19
C GLN D 5 -13.67 5.15 25.08
N THR D 6 -12.76 4.17 25.11
CA THR D 6 -11.73 4.03 24.06
C THR D 6 -12.35 3.57 22.73
N ILE D 7 -13.53 2.94 22.80
CA ILE D 7 -14.28 2.52 21.61
C ILE D 7 -15.21 3.61 21.09
N TYR D 8 -15.97 4.25 21.96
CA TYR D 8 -16.87 5.35 21.56
C TYR D 8 -17.28 6.13 22.81
N THR D 9 -17.85 7.31 22.61
CA THR D 9 -18.29 8.14 23.73
C THR D 9 -19.69 7.70 24.15
N GLN D 10 -19.79 7.16 25.35
CA GLN D 10 -21.03 6.63 25.88
C GLN D 10 -22.04 7.73 26.17
N ILE D 11 -21.57 8.81 26.79
CA ILE D 11 -22.42 9.98 27.13
C ILE D 11 -21.78 11.22 26.57
N GLN D 12 -22.38 11.77 25.53
CA GLN D 12 -21.85 12.95 24.88
C GLN D 12 -22.29 14.21 25.60
N ALA D 13 -21.43 15.22 25.55
CA ALA D 13 -21.67 16.48 26.19
C ALA D 13 -21.95 17.53 25.11
N ARG D 14 -22.79 18.50 25.47
CA ARG D 14 -23.05 19.65 24.63
C ARG D 14 -22.88 20.93 25.45
N GLY D 15 -22.34 21.97 24.84
CA GLY D 15 -22.16 23.26 25.51
C GLY D 15 -21.97 24.35 24.48
N PRO D 16 -21.85 25.60 24.95
CA PRO D 16 -21.74 26.68 23.97
C PRO D 16 -20.49 26.49 23.13
N HIS D 17 -20.57 26.86 21.87
CA HIS D 17 -19.42 26.65 21.01
C HIS D 17 -18.27 27.60 21.36
N ILE D 18 -17.04 27.08 21.28
CA ILE D 18 -15.84 27.84 21.64
C ILE D 18 -15.27 28.50 20.38
N THR D 19 -14.84 29.73 20.54
CA THR D 19 -14.08 30.43 19.52
C THR D 19 -12.84 31.02 20.16
N VAL D 20 -11.67 30.64 19.65
CA VAL D 20 -10.38 31.19 20.09
C VAL D 20 -10.03 32.25 19.05
N SER D 21 -9.83 33.48 19.51
CA SER D 21 -9.57 34.61 18.64
C SER D 21 -8.14 34.52 18.08
N GLY D 22 -8.03 34.80 16.79
CA GLY D 22 -6.75 34.90 16.12
C GLY D 22 -6.35 36.36 15.99
N GLU D 23 -5.07 36.57 15.71
CA GLU D 23 -4.50 37.93 15.57
C GLU D 23 -5.18 38.69 14.45
N TRP D 24 -5.68 37.97 13.46
CA TRP D 24 -6.55 38.53 12.44
C TRP D 24 -7.52 37.47 11.91
N GLY D 25 -8.53 37.93 11.18
CA GLY D 25 -9.45 37.08 10.44
C GLY D 25 -10.65 36.51 11.20
N ASP D 26 -10.88 36.96 12.44
CA ASP D 26 -12.00 36.42 13.23
C ASP D 26 -13.32 36.65 12.51
N ASN D 27 -13.42 37.80 11.83
CA ASN D 27 -14.61 38.11 11.06
C ASN D 27 -14.80 37.31 9.76
N ASP D 28 -13.82 36.49 9.36
CA ASP D 28 -13.92 35.67 8.15
C ASP D 28 -14.16 34.19 8.40
N ARG D 29 -14.61 33.87 9.60
CA ARG D 29 -15.14 32.54 9.90
C ARG D 29 -16.60 32.50 9.49
N VAL D 30 -16.95 31.45 8.77
CA VAL D 30 -18.25 31.34 8.14
C VAL D 30 -18.84 29.98 8.43
N GLY D 31 -20.15 29.96 8.63
CA GLY D 31 -20.87 28.73 8.93
C GLY D 31 -21.57 28.85 10.26
N LYS D 32 -22.75 28.25 10.37
CA LYS D 32 -23.38 28.00 11.64
C LYS D 32 -22.99 26.58 12.03
N PRO D 33 -22.32 26.39 13.17
CA PRO D 33 -21.95 25.02 13.50
C PRO D 33 -23.18 24.14 13.73
N PHE D 34 -23.12 22.88 13.33
CA PHE D 34 -24.18 21.95 13.68
C PHE D 34 -23.57 20.69 14.22
N TYR D 35 -24.39 19.89 14.88
CA TYR D 35 -23.93 18.74 15.65
C TYR D 35 -24.49 17.47 15.03
N SER D 36 -23.62 16.48 14.81
CA SER D 36 -23.98 15.14 14.41
C SER D 36 -23.79 14.21 15.61
N TYR D 37 -24.91 13.67 16.06
CA TYR D 37 -24.92 12.69 17.15
C TYR D 37 -24.02 11.50 16.85
N TRP D 38 -24.12 10.94 15.65
CA TRP D 38 -23.34 9.71 15.30
C TRP D 38 -21.86 9.99 15.14
N LEU D 39 -21.50 11.12 14.54
CA LEU D 39 -20.10 11.51 14.51
C LEU D 39 -19.58 11.69 15.94
N GLY D 40 -20.42 12.30 16.77
CA GLY D 40 -20.15 12.56 18.17
C GLY D 40 -19.74 11.32 18.97
N LYS D 41 -20.05 10.12 18.47
CA LYS D 41 -19.61 8.86 19.12
C LYS D 41 -18.12 8.59 19.02
N ILE D 42 -17.51 9.06 17.92
CA ILE D 42 -16.12 8.74 17.64
C ILE D 42 -15.24 9.96 17.37
N GLY D 43 -15.81 11.14 17.53
CA GLY D 43 -15.07 12.39 17.37
C GLY D 43 -15.92 13.49 17.95
N ASP D 44 -15.49 14.73 17.77
CA ASP D 44 -16.30 15.87 18.20
C ASP D 44 -17.53 15.96 17.28
N ALA D 45 -18.69 16.22 17.87
CA ALA D 45 -19.94 16.28 17.14
C ALA D 45 -20.06 17.56 16.30
N GLN D 46 -19.32 18.60 16.64
CA GLN D 46 -19.46 19.89 15.95
C GLN D 46 -18.76 19.95 14.58
N ILE D 47 -19.54 20.36 13.57
CA ILE D 47 -19.05 20.56 12.22
C ILE D 47 -19.17 22.05 11.94
N GLY D 48 -18.10 22.64 11.41
CA GLY D 48 -18.07 24.08 11.18
C GLY D 48 -17.82 24.84 12.48
N PRO D 49 -17.71 26.17 12.38
CA PRO D 49 -17.63 26.94 11.15
C PRO D 49 -16.26 26.72 10.52
N ILE D 50 -16.02 27.37 9.40
CA ILE D 50 -14.76 27.27 8.68
C ILE D 50 -14.27 28.69 8.44
N TYR D 51 -12.96 28.83 8.35
CA TYR D 51 -12.31 30.10 8.09
C TYR D 51 -12.19 30.30 6.57
N LEU D 52 -12.55 31.48 6.08
CA LEU D 52 -12.34 31.78 4.67
C LEU D 52 -10.93 32.32 4.44
N GLY D 53 -10.78 33.63 4.31
CA GLY D 53 -9.44 34.22 4.16
C GLY D 53 -9.00 34.17 2.71
N ALA D 54 -8.15 35.12 2.32
CA ALA D 54 -7.76 35.27 0.91
C ALA D 54 -7.04 34.06 0.37
N SER D 55 -6.22 33.41 1.20
CA SER D 55 -5.38 32.34 0.70
C SER D 55 -6.20 31.07 0.49
N GLY D 56 -7.16 30.80 1.37
CA GLY D 56 -8.09 29.67 1.17
C GLY D 56 -8.99 29.88 -0.04
N ILE D 57 -9.50 31.10 -0.20
CA ILE D 57 -10.29 31.42 -1.37
C ILE D 57 -9.45 31.22 -2.64
N ALA D 58 -8.25 31.83 -2.69
CA ALA D 58 -7.33 31.65 -3.83
C ALA D 58 -7.07 30.16 -4.09
N ALA D 59 -6.86 29.39 -3.04
CA ALA D 59 -6.68 27.95 -3.20
C ALA D 59 -7.83 27.33 -3.98
N PHE D 60 -9.05 27.67 -3.56
CA PHE D 60 -10.24 27.13 -4.20
C PHE D 60 -10.40 27.59 -5.63
N ALA D 61 -10.09 28.86 -5.91
CA ALA D 61 -10.17 29.38 -7.29
C ALA D 61 -9.16 28.67 -8.20
N PHE D 62 -7.91 28.59 -7.75
CA PHE D 62 -6.85 27.94 -8.52
C PHE D 62 -7.07 26.44 -8.68
N GLY D 63 -7.40 25.77 -7.58
CA GLY D 63 -7.67 24.34 -7.62
C GLY D 63 -8.89 23.94 -8.43
N SER D 64 -9.98 24.69 -8.29
CA SER D 64 -11.18 24.46 -9.09
C SER D 64 -10.86 24.64 -10.59
N THR D 65 -10.10 25.68 -10.95
CA THR D 65 -9.63 25.88 -12.34
C THR D 65 -8.87 24.65 -12.89
N ALA D 66 -8.00 24.07 -12.07
CA ALA D 66 -7.24 22.89 -12.47
C ALA D 66 -8.18 21.69 -12.66
N ILE D 67 -9.11 21.52 -11.71
CA ILE D 67 -10.10 20.45 -11.78
C ILE D 67 -11.01 20.56 -13.00
N LEU D 68 -11.39 21.78 -13.35
CA LEU D 68 -12.16 22.02 -14.55
C LEU D 68 -11.40 21.66 -15.84
N ILE D 69 -10.11 22.03 -15.92
CA ILE D 69 -9.27 21.67 -17.06
C ILE D 69 -9.18 20.14 -17.13
N ILE D 70 -8.96 19.50 -16.00
CA ILE D 70 -8.82 18.05 -16.01
C ILE D 70 -10.13 17.40 -16.47
N LEU D 71 -11.22 17.72 -15.79
CA LEU D 71 -12.52 17.12 -16.08
C LEU D 71 -12.94 17.35 -17.51
N PHE D 72 -12.70 18.55 -18.01
CA PHE D 72 -13.12 18.84 -19.38
C PHE D 72 -12.36 17.97 -20.40
N ASN D 73 -11.07 17.74 -20.13
CA ASN D 73 -10.25 16.92 -21.00
C ASN D 73 -10.67 15.46 -20.91
N MET D 74 -11.04 15.05 -19.71
CA MET D 74 -11.59 13.71 -19.52
C MET D 74 -12.88 13.51 -20.32
N ALA D 75 -13.82 14.44 -20.18
CA ALA D 75 -15.08 14.44 -20.91
C ALA D 75 -14.85 14.36 -22.42
N ALA D 76 -13.90 15.12 -22.95
CA ALA D 76 -13.56 15.05 -24.40
C ALA D 76 -13.10 13.64 -24.77
N GLU D 77 -12.41 12.97 -23.88
CA GLU D 77 -11.93 11.62 -24.12
C GLU D 77 -13.05 10.59 -24.36
N VAL D 78 -14.26 10.88 -23.83
CA VAL D 78 -15.46 10.07 -24.10
C VAL D 78 -16.44 10.83 -25.00
N HIS D 79 -15.92 11.81 -25.73
CA HIS D 79 -16.74 12.55 -26.68
C HIS D 79 -17.97 13.17 -25.99
N PHE D 80 -17.81 13.55 -24.72
CA PHE D 80 -18.81 14.31 -23.97
C PHE D 80 -20.12 13.56 -23.79
N ASP D 81 -20.05 12.23 -23.77
CA ASP D 81 -21.19 11.36 -23.49
C ASP D 81 -21.24 11.15 -22.00
N PRO D 82 -22.32 11.58 -21.32
CA PRO D 82 -22.37 11.53 -19.86
C PRO D 82 -22.37 10.11 -19.29
N LEU D 83 -23.11 9.22 -19.92
CA LEU D 83 -23.15 7.83 -19.46
C LEU D 83 -21.77 7.17 -19.54
N GLN D 84 -21.12 7.33 -20.68
CA GLN D 84 -19.75 6.81 -20.86
C GLN D 84 -18.76 7.49 -19.90
N PHE D 85 -18.92 8.80 -19.68
CA PHE D 85 -18.09 9.48 -18.69
C PHE D 85 -18.16 8.83 -17.33
N PHE D 86 -19.39 8.56 -16.87
CA PHE D 86 -19.61 7.97 -15.55
C PHE D 86 -19.04 6.54 -15.52
N ARG D 87 -19.34 5.77 -16.57
CA ARG D 87 -18.88 4.40 -16.70
C ARG D 87 -17.36 4.30 -16.68
N GLN D 88 -16.73 5.12 -17.52
CA GLN D 88 -15.29 4.99 -17.84
C GLN D 88 -14.38 5.86 -16.97
N PHE D 89 -15.00 6.59 -16.06
CA PHE D 89 -14.29 7.61 -15.29
C PHE D 89 -12.87 7.31 -14.86
N PHE D 90 -12.65 6.17 -14.19
CA PHE D 90 -11.35 5.85 -13.67
C PHE D 90 -10.26 5.74 -14.77
N TRP D 91 -10.66 5.36 -15.97
CA TRP D 91 -9.75 5.13 -17.11
C TRP D 91 -9.39 6.44 -17.79
N LEU D 92 -10.14 7.47 -17.45
CA LEU D 92 -9.95 8.76 -18.13
C LEU D 92 -8.78 9.55 -17.54
N GLY D 93 -8.16 10.41 -18.36
CA GLY D 93 -6.99 11.12 -17.84
C GLY D 93 -6.62 12.34 -18.64
N LEU D 94 -5.72 13.12 -18.07
CA LEU D 94 -5.10 14.27 -18.76
C LEU D 94 -3.59 13.99 -18.70
N TYR D 95 -2.98 13.93 -19.88
CA TYR D 95 -1.65 13.34 -20.05
C TYR D 95 -0.59 14.38 -20.39
N PRO D 96 0.63 14.21 -19.83
CA PRO D 96 1.76 15.01 -20.25
C PRO D 96 2.13 14.68 -21.70
N PRO D 97 2.94 15.53 -22.34
CA PRO D 97 3.22 15.34 -23.74
C PRO D 97 3.74 13.97 -24.05
N LYS D 98 3.23 13.36 -25.13
CA LYS D 98 3.70 12.03 -25.57
C LYS D 98 4.91 12.11 -26.50
N ALA D 99 4.95 13.16 -27.31
CA ALA D 99 6.14 13.49 -28.12
C ALA D 99 7.19 14.23 -27.25
N GLN D 100 8.45 14.11 -27.66
CA GLN D 100 9.56 14.78 -27.01
C GLN D 100 9.66 16.21 -27.57
N TYR D 101 9.30 17.20 -26.76
CA TYR D 101 9.48 18.59 -27.14
C TYR D 101 10.52 19.14 -26.16
N GLY D 102 11.13 18.27 -25.34
CA GLY D 102 12.04 18.78 -24.33
C GLY D 102 11.28 19.58 -23.28
N MET D 103 11.83 20.74 -22.92
CA MET D 103 11.18 21.68 -21.99
C MET D 103 10.35 22.74 -22.72
N GLY D 104 10.20 22.57 -24.03
CA GLY D 104 9.24 23.38 -24.79
C GLY D 104 7.83 23.19 -24.24
N ILE D 105 7.08 24.30 -24.12
CA ILE D 105 5.67 24.23 -23.72
C ILE D 105 4.89 23.44 -24.78
N PRO D 106 4.31 22.33 -24.39
CA PRO D 106 3.75 21.47 -25.40
C PRO D 106 2.44 21.96 -25.97
N PRO D 107 2.06 21.42 -27.14
CA PRO D 107 0.81 21.78 -27.76
C PRO D 107 -0.34 21.36 -26.84
N LEU D 108 -1.39 22.15 -26.83
CA LEU D 108 -2.58 21.91 -25.99
C LEU D 108 -3.11 20.51 -26.20
N HIS D 109 -3.20 20.07 -27.45
CA HIS D 109 -3.61 18.66 -27.70
C HIS D 109 -2.62 17.61 -27.25
N ASP D 110 -1.34 17.96 -27.05
CA ASP D 110 -0.37 16.94 -26.63
C ASP D 110 0.49 17.45 -25.48
N GLY D 111 -0.13 17.69 -24.33
CA GLY D 111 0.58 18.04 -23.11
C GLY D 111 0.33 19.42 -22.54
N GLY D 112 -0.17 20.34 -23.36
CA GLY D 112 -0.32 21.71 -22.93
C GLY D 112 -1.38 21.90 -21.85
N TRP D 113 -2.51 21.20 -21.98
CA TRP D 113 -3.56 21.29 -20.98
C TRP D 113 -3.07 20.68 -19.68
N TRP D 114 -2.32 19.59 -19.77
CA TRP D 114 -1.73 18.94 -18.60
C TRP D 114 -0.82 19.97 -17.87
N LEU D 115 0.06 20.65 -18.61
CA LEU D 115 0.96 21.61 -17.96
C LEU D 115 0.19 22.75 -17.32
N MET D 116 -0.84 23.23 -18.01
CA MET D 116 -1.70 24.26 -17.46
C MET D 116 -2.46 23.79 -16.21
N ALA D 117 -2.96 22.55 -16.17
CA ALA D 117 -3.62 22.11 -14.97
C ALA D 117 -2.60 22.02 -13.84
N GLY D 118 -1.37 21.65 -14.17
CA GLY D 118 -0.31 21.50 -13.16
C GLY D 118 0.09 22.85 -12.60
N LEU D 119 0.16 23.85 -13.47
CA LEU D 119 0.36 25.23 -13.03
C LEU D 119 -0.70 25.64 -11.98
N PHE D 120 -1.97 25.43 -12.30
CA PHE D 120 -3.05 25.82 -11.39
C PHE D 120 -3.05 24.99 -10.13
N MET D 121 -2.74 23.71 -10.24
CA MET D 121 -2.62 22.88 -9.05
C MET D 121 -1.53 23.44 -8.14
N THR D 122 -0.42 23.87 -8.73
CA THR D 122 0.75 24.30 -7.96
C THR D 122 0.40 25.58 -7.21
N LEU D 123 -0.30 26.48 -7.89
CA LEU D 123 -0.79 27.71 -7.27
C LEU D 123 -1.78 27.41 -6.13
N SER D 124 -2.60 26.39 -6.33
CA SER D 124 -3.57 26.00 -5.33
C SER D 124 -2.85 25.49 -4.06
N LEU D 125 -1.83 24.65 -4.26
CA LEU D 125 -1.07 24.07 -3.15
C LEU D 125 -0.31 25.15 -2.39
N GLY D 126 0.32 26.07 -3.12
CA GLY D 126 1.00 27.21 -2.52
C GLY D 126 0.07 28.08 -1.69
N SER D 127 -1.08 28.41 -2.24
CA SER D 127 -2.13 29.13 -1.53
C SER D 127 -2.59 28.39 -0.24
N TRP D 128 -2.87 27.11 -0.35
CA TRP D 128 -3.25 26.34 0.84
C TRP D 128 -2.13 26.32 1.88
N TRP D 129 -0.87 26.29 1.43
CA TRP D 129 0.30 26.31 2.34
C TRP D 129 0.30 27.58 3.17
N ILE D 130 0.10 28.72 2.51
CA ILE D 130 -0.03 30.00 3.21
C ILE D 130 -1.13 29.95 4.29
N ARG D 131 -2.27 29.39 3.93
CA ARG D 131 -3.38 29.22 4.86
C ARG D 131 -2.94 28.39 6.09
N VAL D 132 -2.31 27.26 5.84
CA VAL D 132 -1.90 26.31 6.88
C VAL D 132 -0.85 26.94 7.82
N TYR D 133 0.06 27.71 7.22
CA TYR D 133 1.09 28.44 7.93
C TYR D 133 0.52 29.62 8.69
N SER D 134 -0.23 30.47 8.00
CA SER D 134 -0.73 31.69 8.59
C SER D 134 -1.77 31.44 9.72
N ARG D 135 -2.65 30.46 9.56
CA ARG D 135 -3.58 30.09 10.64
C ARG D 135 -2.84 29.73 11.93
N ALA D 136 -1.71 29.02 11.81
CA ALA D 136 -0.91 28.71 12.99
C ALA D 136 -0.41 30.04 13.60
N ARG D 137 0.14 30.92 12.77
CA ARG D 137 0.67 32.18 13.28
C ARG D 137 -0.44 33.00 13.90
N ALA D 138 -1.63 32.99 13.30
CA ALA D 138 -2.75 33.80 13.79
C ALA D 138 -3.17 33.36 15.19
N LEU D 139 -3.01 32.07 15.46
CA LEU D 139 -3.45 31.46 16.70
C LEU D 139 -2.32 31.26 17.71
N GLY D 140 -1.14 31.80 17.42
CA GLY D 140 -0.01 31.76 18.35
C GLY D 140 0.57 30.38 18.47
N LEU D 141 0.56 29.64 17.36
CA LEU D 141 1.06 28.28 17.38
C LEU D 141 2.33 28.23 16.53
N GLY D 142 3.17 27.25 16.82
CA GLY D 142 4.32 26.99 15.97
C GLY D 142 3.87 26.51 14.60
N THR D 143 4.80 26.48 13.65
CA THR D 143 4.49 26.21 12.25
C THR D 143 4.90 24.80 11.85
N HIS D 144 4.87 23.87 12.80
CA HIS D 144 5.31 22.54 12.54
C HIS D 144 4.50 21.86 11.42
N ILE D 145 3.20 22.11 11.36
CA ILE D 145 2.34 21.45 10.36
C ILE D 145 2.69 21.98 8.98
N ALA D 146 2.79 23.31 8.84
CA ALA D 146 3.25 23.91 7.58
C ALA D 146 4.58 23.32 7.06
N TRP D 147 5.56 23.14 7.92
CA TRP D 147 6.86 22.60 7.44
C TRP D 147 6.78 21.16 6.93
N ASN D 148 5.90 20.40 7.54
CA ASN D 148 5.67 19.01 7.15
C ASN D 148 4.90 18.98 5.78
N PHE D 149 3.92 19.88 5.68
CA PHE D 149 3.14 20.06 4.49
C PHE D 149 4.02 20.50 3.32
N ALA D 150 4.95 21.42 3.60
CA ALA D 150 5.98 21.88 2.64
C ALA D 150 6.79 20.72 2.02
N ALA D 151 7.17 19.73 2.80
CA ALA D 151 7.89 18.57 2.26
C ALA D 151 6.98 17.74 1.32
N ALA D 152 5.71 17.55 1.69
CA ALA D 152 4.72 16.87 0.83
C ALA D 152 4.57 17.65 -0.49
N ILE D 153 4.37 18.95 -0.40
CA ILE D 153 4.26 19.77 -1.58
C ILE D 153 5.54 19.62 -2.40
N PHE D 154 6.70 19.63 -1.73
CA PHE D 154 7.98 19.54 -2.45
C PHE D 154 8.09 18.23 -3.22
N PHE D 155 7.64 17.14 -2.61
CA PHE D 155 7.63 15.86 -3.29
C PHE D 155 6.79 15.91 -4.57
N VAL D 156 5.59 16.50 -4.48
CA VAL D 156 4.70 16.66 -5.61
C VAL D 156 5.39 17.51 -6.71
N LEU D 157 6.12 18.55 -6.33
CA LEU D 157 6.86 19.32 -7.30
C LEU D 157 8.02 18.53 -7.92
N CYS D 158 8.61 17.61 -7.17
CA CYS D 158 9.67 16.75 -7.71
C CYS D 158 9.15 15.88 -8.84
N ILE D 159 8.07 15.15 -8.61
CA ILE D 159 7.50 14.27 -9.64
C ILE D 159 6.72 15.06 -10.74
N GLY D 160 6.29 16.27 -10.40
CA GLY D 160 5.50 17.10 -11.34
C GLY D 160 6.32 17.93 -12.29
N CYS D 161 7.35 18.59 -11.76
CA CYS D 161 8.14 19.50 -12.58
C CYS D 161 9.64 19.58 -12.34
N ILE D 162 10.13 19.17 -11.17
CA ILE D 162 11.56 19.32 -10.94
C ILE D 162 12.31 18.18 -11.61
N HIS D 163 11.92 16.92 -11.40
CA HIS D 163 12.53 15.86 -12.22
C HIS D 163 12.39 16.13 -13.73
N PRO D 164 11.18 16.41 -14.23
CA PRO D 164 11.08 16.77 -15.64
C PRO D 164 12.09 17.84 -16.07
N THR D 165 12.26 18.89 -15.27
CA THR D 165 13.16 19.98 -15.62
C THR D 165 14.61 19.49 -15.57
N LEU D 166 14.95 18.69 -14.57
CA LEU D 166 16.32 18.19 -14.46
C LEU D 166 16.78 17.27 -15.61
N VAL D 167 15.90 16.42 -16.12
CA VAL D 167 16.25 15.60 -17.28
C VAL D 167 15.87 16.31 -18.60
N GLY D 168 15.09 17.38 -18.49
CA GLY D 168 14.77 18.25 -19.63
C GLY D 168 13.62 17.75 -20.49
N SER D 169 12.61 17.13 -19.88
CA SER D 169 11.44 16.72 -20.64
C SER D 169 10.17 16.67 -19.82
N TRP D 170 9.18 17.46 -20.24
CA TRP D 170 7.82 17.45 -19.65
C TRP D 170 7.08 16.11 -19.83
N SER D 171 7.57 15.25 -20.71
CA SER D 171 6.95 13.94 -20.95
C SER D 171 6.99 13.05 -19.74
N GLU D 172 7.81 13.42 -18.75
CA GLU D 172 8.07 12.53 -17.60
C GLU D 172 7.14 12.79 -16.42
N GLY D 173 6.27 13.80 -16.54
CA GLY D 173 5.39 14.17 -15.41
C GLY D 173 4.26 13.20 -15.15
N VAL D 174 3.61 13.36 -14.00
CA VAL D 174 2.47 12.49 -13.62
C VAL D 174 1.17 12.91 -14.29
N PRO D 175 0.49 11.95 -14.99
CA PRO D 175 -0.82 12.28 -15.50
C PRO D 175 -1.84 12.54 -14.39
N PHE D 176 -2.86 13.31 -14.73
CA PHE D 176 -4.08 13.40 -13.93
C PHE D 176 -5.07 12.29 -14.29
N GLY D 177 -5.57 11.55 -13.29
CA GLY D 177 -6.63 10.59 -13.52
C GLY D 177 -6.41 9.46 -12.55
N ILE D 178 -7.46 8.69 -12.29
CA ILE D 178 -7.40 7.66 -11.28
C ILE D 178 -6.41 6.56 -11.73
N TRP D 179 -6.76 5.82 -12.78
CA TRP D 179 -5.86 4.79 -13.27
C TRP D 179 -4.63 5.41 -13.96
N PRO D 180 -4.82 6.46 -14.76
CA PRO D 180 -3.61 7.03 -15.40
C PRO D 180 -2.45 7.50 -14.50
N HIS D 181 -2.73 8.10 -13.34
CA HIS D 181 -1.64 8.50 -12.45
C HIS D 181 -0.96 7.26 -11.86
N ILE D 182 -1.74 6.19 -11.72
CA ILE D 182 -1.27 4.87 -11.28
C ILE D 182 -0.38 4.24 -12.37
N ASP D 183 -0.82 4.33 -13.62
CA ASP D 183 -0.05 3.72 -14.71
C ASP D 183 1.37 4.35 -14.79
N TRP D 184 1.47 5.64 -14.49
CA TRP D 184 2.76 6.34 -14.44
C TRP D 184 3.78 5.70 -13.49
N LEU D 185 3.30 5.17 -12.36
CA LEU D 185 4.18 4.53 -11.38
C LEU D 185 5.02 3.47 -12.06
N THR D 186 4.35 2.61 -12.83
CA THR D 186 4.99 1.50 -13.52
C THR D 186 5.86 1.98 -14.67
N ALA D 187 5.36 2.89 -15.50
CA ALA D 187 6.17 3.48 -16.55
C ALA D 187 7.48 4.02 -16.00
N PHE D 188 7.42 4.80 -14.93
CA PHE D 188 8.60 5.43 -14.32
C PHE D 188 9.53 4.38 -13.69
N SER D 189 8.96 3.47 -12.90
CA SER D 189 9.78 2.40 -12.33
C SER D 189 10.51 1.62 -13.44
N ILE D 190 9.79 1.26 -14.50
CA ILE D 190 10.37 0.56 -15.63
C ILE D 190 11.52 1.32 -16.26
N ARG D 191 11.27 2.58 -16.59
CA ARG D 191 12.25 3.43 -17.25
C ARG D 191 13.56 3.53 -16.48
N TYR D 192 13.46 3.52 -15.15
CA TYR D 192 14.63 3.73 -14.29
C TYR D 192 15.09 2.49 -13.55
N GLY D 193 14.76 1.33 -14.09
CA GLY D 193 15.45 0.11 -13.72
C GLY D 193 15.02 -0.48 -12.40
N ASN D 194 13.74 -0.32 -12.07
CA ASN D 194 13.12 -0.94 -10.89
C ASN D 194 13.33 -0.14 -9.59
N PHE D 195 12.26 0.48 -9.12
CA PHE D 195 12.32 1.35 -7.96
C PHE D 195 12.56 0.60 -6.64
N TYR D 196 12.35 -0.70 -6.65
CA TYR D 196 12.71 -1.48 -5.47
C TYR D 196 14.21 -1.33 -5.20
N TYR D 197 15.01 -1.10 -6.25
CA TYR D 197 16.45 -0.97 -6.11
C TYR D 197 16.91 0.47 -5.87
N CYS D 198 15.97 1.42 -5.77
CA CYS D 198 16.32 2.81 -5.36
C CYS D 198 16.38 2.89 -3.83
N PRO D 199 17.57 3.12 -3.25
CA PRO D 199 17.56 3.15 -1.78
C PRO D 199 16.60 4.16 -1.14
N TRP D 200 16.32 5.28 -1.81
CA TRP D 200 15.45 6.30 -1.26
C TRP D 200 13.98 5.88 -1.27
N HIS D 201 13.64 5.00 -2.21
CA HIS D 201 12.34 4.40 -2.26
C HIS D 201 12.23 3.53 -1.01
N GLY D 202 13.29 2.79 -0.72
CA GLY D 202 13.35 1.96 0.50
C GLY D 202 13.34 2.76 1.79
N PHE D 203 14.16 3.82 1.88
CA PHE D 203 14.01 4.79 3.00
C PHE D 203 12.58 5.32 3.14
N SER D 204 11.96 5.76 2.06
CA SER D 204 10.62 6.33 2.11
C SER D 204 9.62 5.31 2.64
N ILE D 205 9.74 4.07 2.19
CA ILE D 205 8.89 2.95 2.64
C ILE D 205 9.11 2.53 4.12
N GLY D 206 10.37 2.47 4.58
CA GLY D 206 10.64 2.25 6.02
C GLY D 206 10.01 3.33 6.88
N PHE D 207 10.08 4.58 6.44
CA PHE D 207 9.40 5.65 7.13
C PHE D 207 7.89 5.54 7.00
N ALA D 208 7.38 5.13 5.84
CA ALA D 208 5.92 5.05 5.64
C ALA D 208 5.33 3.94 6.46
N TYR D 209 5.96 2.77 6.39
CA TYR D 209 5.64 1.66 7.28
C TYR D 209 5.85 2.06 8.76
N GLY D 210 6.92 2.80 8.99
CA GLY D 210 7.22 3.33 10.31
C GLY D 210 6.13 4.23 10.87
N CYS D 211 5.45 5.00 10.01
CA CYS D 211 4.31 5.84 10.44
C CYS D 211 3.14 4.95 10.83
N GLY D 212 3.01 3.83 10.12
CA GLY D 212 2.02 2.83 10.46
C GLY D 212 2.20 2.28 11.86
N LEU D 213 3.41 1.77 12.11
CA LEU D 213 3.84 1.25 13.40
C LEU D 213 3.65 2.30 14.50
N LEU D 214 4.17 3.51 14.28
CA LEU D 214 4.12 4.52 15.31
C LEU D 214 2.70 5.00 15.60
N PHE D 215 1.83 5.15 14.59
CA PHE D 215 0.50 5.65 14.89
C PHE D 215 -0.36 4.56 15.52
N ALA D 216 -0.17 3.30 15.10
CA ALA D 216 -0.79 2.18 15.79
C ALA D 216 -0.36 2.15 17.26
N ALA D 217 0.95 2.14 17.49
CA ALA D 217 1.57 2.09 18.81
C ALA D 217 1.17 3.29 19.69
N HIS D 218 1.24 4.50 19.15
CA HIS D 218 0.92 5.68 19.91
C HIS D 218 -0.58 5.86 20.15
N GLY D 219 -1.40 5.68 19.10
CA GLY D 219 -2.83 5.75 19.25
C GLY D 219 -3.28 4.73 20.26
N ALA D 220 -2.80 3.50 20.14
CA ALA D 220 -3.12 2.46 21.10
C ALA D 220 -2.67 2.82 22.51
N THR D 221 -1.46 3.37 22.63
CA THR D 221 -0.89 3.72 23.92
C THR D 221 -1.77 4.77 24.59
N ILE D 222 -2.15 5.81 23.86
CA ILE D 222 -3.00 6.85 24.44
C ILE D 222 -4.35 6.27 24.86
N LEU D 223 -4.92 5.41 24.05
CA LEU D 223 -6.20 4.83 24.40
C LEU D 223 -6.01 4.02 25.67
N ALA D 224 -4.89 3.31 25.73
CA ALA D 224 -4.59 2.45 26.90
C ALA D 224 -4.44 3.25 28.20
N VAL D 225 -4.03 4.52 28.10
CA VAL D 225 -3.92 5.41 29.27
C VAL D 225 -4.99 6.54 29.27
N ALA D 226 -6.05 6.32 28.52
CA ALA D 226 -7.20 7.25 28.52
C ALA D 226 -7.89 7.35 29.90
N ARG D 227 -7.88 6.27 30.68
CA ARG D 227 -8.42 6.30 32.04
C ARG D 227 -7.72 7.31 32.95
N PHE D 228 -6.51 7.69 32.57
CA PHE D 228 -5.71 8.65 33.34
C PHE D 228 -5.62 9.99 32.61
N GLY D 229 -6.44 10.19 31.57
CA GLY D 229 -6.45 11.45 30.86
C GLY D 229 -5.23 11.65 29.98
N GLY D 230 -4.67 10.57 29.45
CA GLY D 230 -3.45 10.66 28.63
C GLY D 230 -3.67 11.42 27.33
N ASP D 231 -4.93 11.49 26.90
CA ASP D 231 -5.33 12.28 25.72
C ASP D 231 -5.12 13.78 25.92
N ARG D 232 -4.99 14.22 27.16
CA ARG D 232 -4.75 15.64 27.42
C ARG D 232 -3.24 15.94 27.39
N GLU D 233 -2.70 15.78 26.20
CA GLU D 233 -1.25 15.65 26.01
C GLU D 233 -0.51 16.95 26.26
N ILE D 234 -1.15 18.10 26.07
CA ILE D 234 -0.45 19.38 26.28
C ILE D 234 -0.06 19.55 27.76
N GLU D 235 -0.98 19.28 28.68
CA GLU D 235 -0.68 19.40 30.11
C GLU D 235 0.06 18.18 30.64
N GLN D 236 0.00 17.04 29.94
CA GLN D 236 0.90 15.92 30.27
C GLN D 236 2.39 16.28 29.95
N ILE D 237 2.57 17.12 28.94
CA ILE D 237 3.89 17.60 28.57
C ILE D 237 4.40 18.60 29.59
N THR D 238 3.58 19.58 29.94
CA THR D 238 4.01 20.59 30.89
C THR D 238 3.93 20.14 32.34
N ASP D 239 3.23 19.06 32.63
CA ASP D 239 3.10 18.56 34.00
C ASP D 239 2.87 17.07 34.00
N ARG D 240 3.94 16.31 33.82
CA ARG D 240 3.86 14.87 33.64
C ARG D 240 2.87 14.20 34.61
N GLY D 241 1.94 13.39 34.12
CA GLY D 241 1.03 12.64 34.97
C GLY D 241 1.26 11.14 34.86
N THR D 242 0.52 10.37 35.64
CA THR D 242 0.70 8.91 35.66
C THR D 242 0.38 8.28 34.31
N ALA D 243 -0.50 8.92 33.54
CA ALA D 243 -0.86 8.45 32.19
C ALA D 243 0.41 8.16 31.39
N VAL D 244 1.28 9.14 31.32
CA VAL D 244 2.47 9.09 30.48
C VAL D 244 3.69 8.50 31.20
N GLU D 245 3.65 8.38 32.53
CA GLU D 245 4.64 7.57 33.24
C GLU D 245 4.41 6.12 32.86
N ARG D 246 3.16 5.68 32.93
CA ARG D 246 2.79 4.31 32.56
C ARG D 246 3.03 4.01 31.10
N ALA D 247 2.75 4.99 30.25
CA ALA D 247 2.99 4.85 28.83
C ALA D 247 4.47 4.62 28.58
N ALA D 248 5.33 5.46 29.18
CA ALA D 248 6.78 5.39 28.99
C ALA D 248 7.27 4.06 29.52
N LEU D 249 6.73 3.62 30.65
CA LEU D 249 7.15 2.37 31.26
C LEU D 249 6.66 1.17 30.48
N PHE D 250 5.49 1.24 29.87
CA PHE D 250 5.05 0.15 28.99
C PHE D 250 6.12 -0.13 27.93
N TRP D 251 6.57 0.94 27.26
CA TRP D 251 7.58 0.81 26.22
C TRP D 251 8.97 0.49 26.79
N ARG D 252 9.33 1.04 27.94
CA ARG D 252 10.65 0.77 28.48
C ARG D 252 10.77 -0.71 28.80
N TRP D 253 9.73 -1.25 29.41
CA TRP D 253 9.73 -2.66 29.84
C TRP D 253 9.61 -3.61 28.64
N THR D 254 9.12 -3.11 27.50
CA THR D 254 8.93 -3.91 26.29
C THR D 254 10.19 -3.88 25.43
N ILE D 255 10.63 -2.69 25.01
CA ILE D 255 11.75 -2.56 24.09
C ILE D 255 13.06 -2.05 24.70
N GLY D 256 13.09 -1.78 26.02
CA GLY D 256 14.31 -1.37 26.73
C GLY D 256 14.58 0.13 26.73
N PHE D 257 13.71 0.90 26.10
CA PHE D 257 13.88 2.36 26.05
C PHE D 257 12.53 3.00 25.77
N ASN D 258 12.43 4.32 25.86
CA ASN D 258 11.12 4.97 25.72
C ASN D 258 11.23 6.43 25.37
N ALA D 259 10.11 7.03 25.04
CA ALA D 259 10.07 8.45 24.69
C ALA D 259 9.45 9.27 25.82
N THR D 260 9.16 10.55 25.57
CA THR D 260 8.27 11.31 26.43
C THR D 260 7.01 11.57 25.63
N ILE D 261 5.97 12.07 26.31
CA ILE D 261 4.74 12.39 25.61
C ILE D 261 4.97 13.51 24.59
N GLU D 262 5.87 14.46 24.86
CA GLU D 262 6.24 15.45 23.82
C GLU D 262 7.06 14.80 22.69
N SER D 263 8.10 14.02 23.03
CA SER D 263 9.04 13.56 22.00
C SER D 263 8.47 12.47 21.10
N VAL D 264 7.53 11.65 21.56
CA VAL D 264 6.90 10.70 20.65
C VAL D 264 6.26 11.42 19.44
N HIS D 265 5.77 12.65 19.64
CA HIS D 265 5.21 13.45 18.56
C HIS D 265 6.30 13.94 17.60
N ARG D 266 7.51 14.15 18.12
CA ARG D 266 8.66 14.50 17.27
C ARG D 266 9.07 13.31 16.43
N TRP D 267 9.05 12.12 17.01
CA TRP D 267 9.32 10.90 16.27
C TRP D 267 8.33 10.77 15.14
N GLY D 268 7.04 10.88 15.48
CA GLY D 268 5.99 10.79 14.46
C GLY D 268 6.13 11.85 13.38
N TRP D 269 6.32 13.08 13.81
CA TRP D 269 6.52 14.19 12.84
C TRP D 269 7.73 13.95 11.92
N PHE D 270 8.84 13.51 12.50
CA PHE D 270 10.04 13.19 11.75
C PHE D 270 9.81 12.08 10.74
N PHE D 271 9.24 10.96 11.19
CA PHE D 271 8.95 9.83 10.31
C PHE D 271 8.09 10.23 9.13
N SER D 272 7.02 10.95 9.43
CA SER D 272 6.13 11.50 8.41
C SER D 272 6.92 12.35 7.43
N LEU D 273 7.66 13.33 7.94
CA LEU D 273 8.46 14.23 7.11
C LEU D 273 9.40 13.42 6.21
N MET D 274 10.01 12.39 6.76
CA MET D 274 11.05 11.68 6.04
C MET D 274 10.49 10.78 4.94
N VAL D 275 9.23 10.40 5.03
CA VAL D 275 8.58 9.67 3.94
C VAL D 275 8.71 10.54 2.67
N MET D 276 8.42 11.81 2.86
CA MET D 276 8.43 12.78 1.75
C MET D 276 9.84 13.31 1.36
N VAL D 277 10.67 13.57 2.37
CA VAL D 277 12.05 13.95 2.12
C VAL D 277 12.82 12.82 1.41
N SER D 278 12.67 11.58 1.87
CA SER D 278 13.34 10.48 1.20
C SER D 278 12.87 10.32 -0.28
N ALA D 279 11.56 10.37 -0.52
CA ALA D 279 10.98 10.23 -1.84
C ALA D 279 11.55 11.31 -2.77
N SER D 280 11.56 12.55 -2.29
CA SER D 280 12.06 13.66 -3.09
C SER D 280 13.52 13.45 -3.50
N VAL D 281 14.36 13.06 -2.56
CA VAL D 281 15.76 12.81 -2.88
C VAL D 281 15.89 11.68 -3.94
N GLY D 282 15.16 10.58 -3.76
CA GLY D 282 15.19 9.51 -4.74
C GLY D 282 14.87 10.05 -6.13
N ILE D 283 13.80 10.82 -6.20
CA ILE D 283 13.29 11.32 -7.45
C ILE D 283 14.31 12.27 -8.05
N LEU D 284 14.94 13.09 -7.20
CA LEU D 284 15.89 14.10 -7.67
C LEU D 284 17.17 13.44 -8.24
N LEU D 285 17.54 12.27 -7.68
CA LEU D 285 18.65 11.48 -8.20
C LEU D 285 18.25 10.68 -9.45
N THR D 286 16.97 10.39 -9.63
CA THR D 286 16.52 9.54 -10.73
C THR D 286 16.61 10.24 -12.05
N GLY D 287 17.34 9.63 -12.99
CA GLY D 287 17.45 10.20 -14.33
C GLY D 287 18.54 11.25 -14.46
N THR D 288 18.77 11.98 -13.38
CA THR D 288 19.77 13.02 -13.31
C THR D 288 21.13 12.32 -13.18
N PHE D 289 21.25 11.43 -12.21
CA PHE D 289 22.53 10.81 -11.86
C PHE D 289 22.48 9.27 -11.77
N VAL D 290 21.29 8.66 -11.86
CA VAL D 290 21.16 7.21 -12.00
C VAL D 290 20.10 6.93 -13.09
N ASP D 291 20.43 6.01 -14.02
CA ASP D 291 19.53 5.65 -15.13
C ASP D 291 18.85 4.30 -14.86
N ASN D 292 19.47 3.44 -14.05
CA ASN D 292 18.93 2.12 -13.82
C ASN D 292 19.35 1.69 -12.42
N TRP D 293 18.39 1.71 -11.49
CA TRP D 293 18.67 1.49 -10.07
C TRP D 293 19.15 0.07 -9.82
N TYR D 294 18.54 -0.89 -10.51
CA TYR D 294 18.98 -2.29 -10.36
C TYR D 294 20.46 -2.40 -10.73
N LEU D 295 20.83 -1.87 -11.90
CA LEU D 295 22.22 -1.95 -12.37
C LEU D 295 23.20 -1.13 -11.51
N TRP D 296 22.70 -0.05 -10.93
CA TRP D 296 23.48 0.72 -9.96
C TRP D 296 23.75 -0.15 -8.72
N CYS D 297 22.74 -0.90 -8.27
CA CYS D 297 22.97 -1.83 -7.15
C CYS D 297 23.94 -2.94 -7.52
N VAL D 298 23.81 -3.45 -8.74
CA VAL D 298 24.75 -4.43 -9.23
C VAL D 298 26.16 -3.86 -9.28
N LYS D 299 26.30 -2.65 -9.84
CA LYS D 299 27.58 -1.94 -9.82
C LYS D 299 28.19 -1.93 -8.42
N HIS D 300 27.39 -1.61 -7.41
CA HIS D 300 27.89 -1.52 -6.04
C HIS D 300 27.78 -2.83 -5.23
N GLY D 301 27.60 -3.98 -5.89
CA GLY D 301 27.62 -5.28 -5.21
C GLY D 301 26.48 -5.67 -4.29
N ALA D 302 25.38 -4.92 -4.34
CA ALA D 302 24.29 -5.06 -3.38
C ALA D 302 23.18 -6.04 -3.79
N ALA D 303 22.94 -6.20 -5.09
CA ALA D 303 21.75 -6.88 -5.57
C ALA D 303 21.85 -8.37 -5.33
N PRO D 304 20.75 -9.00 -4.89
CA PRO D 304 20.75 -10.46 -4.78
C PRO D 304 20.76 -11.11 -6.16
N ASP D 305 21.34 -12.30 -6.22
CA ASP D 305 21.32 -13.07 -7.47
C ASP D 305 20.83 -14.45 -7.11
N TYR D 306 20.33 -15.17 -8.11
CA TYR D 306 19.70 -16.45 -7.89
C TYR D 306 20.12 -17.45 -8.95
N PRO D 307 20.21 -18.73 -8.59
CA PRO D 307 20.49 -19.72 -9.62
C PRO D 307 19.44 -19.70 -10.73
N ALA D 308 19.81 -20.19 -11.91
CA ALA D 308 18.83 -20.41 -12.98
C ALA D 308 17.84 -21.50 -12.51
N TYR D 309 16.56 -21.36 -12.88
CA TYR D 309 15.58 -22.42 -12.63
C TYR D 309 15.33 -23.03 -14.00
N LEU D 310 14.62 -22.32 -14.88
CA LEU D 310 14.65 -22.64 -16.28
C LEU D 310 16.03 -22.14 -16.80
N PRO D 311 16.56 -22.76 -17.88
CA PRO D 311 17.89 -22.47 -18.41
C PRO D 311 18.11 -20.99 -18.68
N ALA D 312 19.30 -20.47 -18.36
CA ALA D 312 19.65 -19.09 -18.73
C ALA D 312 19.40 -18.91 -20.23
N THR D 313 18.93 -17.73 -20.61
CA THR D 313 18.39 -17.51 -21.93
C THR D 313 19.08 -16.31 -22.55
N PRO D 314 19.98 -16.54 -23.53
CA PRO D 314 20.68 -15.42 -24.14
C PRO D 314 19.77 -14.50 -24.93
N ASP D 315 20.17 -13.25 -25.00
CA ASP D 315 19.41 -12.25 -25.72
C ASP D 315 19.47 -12.60 -27.19
N PRO D 316 18.33 -12.95 -27.78
CA PRO D 316 18.34 -13.37 -29.18
C PRO D 316 18.72 -12.24 -30.12
N ALA D 317 18.57 -11.02 -29.66
CA ALA D 317 18.94 -9.83 -30.45
C ALA D 317 20.43 -9.81 -30.81
N SER D 318 21.23 -10.54 -30.03
CA SER D 318 22.68 -10.60 -30.20
C SER D 318 23.13 -11.75 -31.05
N LEU D 319 22.22 -12.66 -31.39
CA LEU D 319 22.57 -13.81 -32.20
C LEU D 319 23.02 -13.39 -33.60
N PRO D 320 23.90 -14.19 -34.21
CA PRO D 320 24.40 -13.86 -35.54
C PRO D 320 23.31 -14.01 -36.57
N GLY D 321 23.09 -12.94 -37.34
CA GLY D 321 22.08 -12.91 -38.39
C GLY D 321 20.70 -12.51 -37.90
N ALA D 322 20.57 -12.27 -36.59
CA ALA D 322 19.26 -11.99 -36.01
C ALA D 322 18.77 -10.69 -36.60
N PRO D 323 17.45 -10.57 -36.81
CA PRO D 323 16.93 -9.31 -37.23
C PRO D 323 17.13 -8.27 -36.16
N LYS D 324 16.93 -7.03 -36.55
CA LYS D 324 16.98 -5.92 -35.64
C LYS D 324 15.71 -5.97 -34.85
#